data_2I2I
# 
_entry.id   2I2I 
# 
_audit_conform.dict_name       mmcif_pdbx.dic 
_audit_conform.dict_version    5.377 
_audit_conform.dict_location   http://mmcif.pdb.org/dictionaries/ascii/mmcif_pdbx.dic 
# 
loop_
_database_2.database_id 
_database_2.database_code 
_database_2.pdbx_database_accession 
_database_2.pdbx_DOI 
PDB   2I2I         pdb_00002i2i 10.2210/pdb2i2i/pdb 
NDB   DD0084       ?            ?                   
RCSB  RCSB039054   ?            ?                   
WWPDB D_1000039054 ?            ?                   
# 
_pdbx_database_status.status_code                     REL 
_pdbx_database_status.entry_id                        2I2I 
_pdbx_database_status.recvd_initial_deposition_date   2006-08-16 
_pdbx_database_status.deposit_site                    RCSB 
_pdbx_database_status.process_site                    RCSB 
_pdbx_database_status.status_code_sf                  REL 
_pdbx_database_status.status_code_mr                  ? 
_pdbx_database_status.SG_entry                        ? 
_pdbx_database_status.pdb_format_compatible           Y 
_pdbx_database_status.status_code_cs                  ? 
_pdbx_database_status.methods_development_category    ? 
_pdbx_database_status.status_code_nmr_data            ? 
# 
loop_
_audit_author.name 
_audit_author.pdbx_ordinal 
'Lee, M.P.H.' 1 
'Neidle, S.'  2 
# 
_citation.id                        primary 
_citation.title                     'Crystal structure of the DB293-D(CGCGAATTCGCG)2 complex.' 
_citation.journal_abbrev            'To be Published' 
_citation.journal_volume            ? 
_citation.page_first                ? 
_citation.page_last                 ? 
_citation.year                      ? 
_citation.journal_id_ASTM           ? 
_citation.country                   ? 
_citation.journal_id_ISSN           ? 
_citation.journal_id_CSD            0353 
_citation.book_publisher            ? 
_citation.pdbx_database_id_PubMed   ? 
_citation.pdbx_database_id_DOI      ? 
# 
loop_
_citation_author.citation_id 
_citation_author.name 
_citation_author.ordinal 
_citation_author.identifier_ORCID 
primary 'Lee, M.P.H.' 1 ? 
primary 'Neidle, S.'  2 ? 
# 
_cell.entry_id           2I2I 
_cell.length_a           24.176 
_cell.length_b           39.762 
_cell.length_c           65.750 
_cell.angle_alpha        90.00 
_cell.angle_beta         90.00 
_cell.angle_gamma        90.00 
_cell.Z_PDB              8 
_cell.pdbx_unique_axis   ? 
_cell.length_a_esd       ? 
_cell.length_b_esd       ? 
_cell.length_c_esd       ? 
_cell.angle_alpha_esd    ? 
_cell.angle_beta_esd     ? 
_cell.angle_gamma_esd    ? 
# 
_symmetry.entry_id                         2I2I 
_symmetry.space_group_name_H-M             'P 21 21 21' 
_symmetry.pdbx_full_space_group_name_H-M   ? 
_symmetry.cell_setting                     ? 
_symmetry.Int_Tables_number                19 
_symmetry.space_group_name_Hall            ? 
# 
loop_
_entity.id 
_entity.type 
_entity.src_method 
_entity.pdbx_description 
_entity.formula_weight 
_entity.pdbx_number_of_molecules 
_entity.pdbx_ec 
_entity.pdbx_mutation 
_entity.pdbx_fragment 
_entity.details 
1 polymer     syn "5'-D(*CP*GP*CP*GP*AP*AP*TP*TP*CP*GP*CP*G)-3'"                                    3663.392 2  ? ? ? ? 
2 non-polymer syn 'MAGNESIUM ION'                                                                   24.305   1  ? ? ? ? 
3 non-polymer syn '2-(5-{4-[AMINO(IMINO)METHYL]PHENYL}-2-FURYL)-1H-BENZIMIDAZOLE-5-CARBOXIMIDAMIDE' 344.370  1  ? ? ? ? 
4 water       nat water                                                                             18.015   81 ? ? ? ? 
# 
_entity_poly.entity_id                      1 
_entity_poly.type                           polydeoxyribonucleotide 
_entity_poly.nstd_linkage                   no 
_entity_poly.nstd_monomer                   no 
_entity_poly.pdbx_seq_one_letter_code       '(DC)(DG)(DC)(DG)(DA)(DA)(DT)(DT)(DC)(DG)(DC)(DG)' 
_entity_poly.pdbx_seq_one_letter_code_can   CGCGAATTCGCG 
_entity_poly.pdbx_strand_id                 A,B 
_entity_poly.pdbx_target_identifier         ? 
# 
loop_
_entity_poly_seq.entity_id 
_entity_poly_seq.num 
_entity_poly_seq.mon_id 
_entity_poly_seq.hetero 
1 1  DC n 
1 2  DG n 
1 3  DC n 
1 4  DG n 
1 5  DA n 
1 6  DA n 
1 7  DT n 
1 8  DT n 
1 9  DC n 
1 10 DG n 
1 11 DC n 
1 12 DG n 
# 
_pdbx_entity_src_syn.entity_id              1 
_pdbx_entity_src_syn.pdbx_src_id            1 
_pdbx_entity_src_syn.pdbx_alt_source_flag   sample 
_pdbx_entity_src_syn.pdbx_beg_seq_num       ? 
_pdbx_entity_src_syn.pdbx_end_seq_num       ? 
_pdbx_entity_src_syn.organism_scientific    ? 
_pdbx_entity_src_syn.organism_common_name   ? 
_pdbx_entity_src_syn.ncbi_taxonomy_id       ? 
_pdbx_entity_src_syn.details                'AT-RICH REGION IN THE GENOME OF ORGANISMS.' 
# 
_struct_ref.id                         1 
_struct_ref.entity_id                  1 
_struct_ref.db_name                    PDB 
_struct_ref.db_code                    2I2I 
_struct_ref.pdbx_db_accession          2I2I 
_struct_ref.pdbx_db_isoform            ? 
_struct_ref.pdbx_seq_one_letter_code   ? 
_struct_ref.pdbx_align_begin           ? 
# 
loop_
_struct_ref_seq.align_id 
_struct_ref_seq.ref_id 
_struct_ref_seq.pdbx_PDB_id_code 
_struct_ref_seq.pdbx_strand_id 
_struct_ref_seq.seq_align_beg 
_struct_ref_seq.pdbx_seq_align_beg_ins_code 
_struct_ref_seq.seq_align_end 
_struct_ref_seq.pdbx_seq_align_end_ins_code 
_struct_ref_seq.pdbx_db_accession 
_struct_ref_seq.db_align_beg 
_struct_ref_seq.pdbx_db_align_beg_ins_code 
_struct_ref_seq.db_align_end 
_struct_ref_seq.pdbx_db_align_end_ins_code 
_struct_ref_seq.pdbx_auth_seq_align_beg 
_struct_ref_seq.pdbx_auth_seq_align_end 
1 1 2I2I A 1 ? 12 ? 2I2I 1  ? 12 ? 1  12 
2 1 2I2I B 1 ? 12 ? 2I2I 13 ? 24 ? 13 24 
# 
loop_
_chem_comp.id 
_chem_comp.type 
_chem_comp.mon_nstd_flag 
_chem_comp.name 
_chem_comp.pdbx_synonyms 
_chem_comp.formula 
_chem_comp.formula_weight 
DA  'DNA linking' y "2'-DEOXYADENOSINE-5'-MONOPHOSPHATE"                                              ?        'C10 H14 N5 O6 P' 
331.222 
DC  'DNA linking' y "2'-DEOXYCYTIDINE-5'-MONOPHOSPHATE"                                               ?        'C9 H14 N3 O7 P'  
307.197 
DG  'DNA linking' y "2'-DEOXYGUANOSINE-5'-MONOPHOSPHATE"                                              ?        'C10 H14 N5 O7 P' 
347.221 
DT  'DNA linking' y "THYMIDINE-5'-MONOPHOSPHATE"                                                      ?        'C10 H15 N2 O8 P' 
322.208 
HOH non-polymer   . WATER                                                                             ?        'H2 O'            
18.015  
MBC non-polymer   . '2-(5-{4-[AMINO(IMINO)METHYL]PHENYL}-2-FURYL)-1H-BENZIMIDAZOLE-5-CARBOXIMIDAMIDE' 'DB 293' 'C19 H16 N6 O'    
344.370 
MG  non-polymer   . 'MAGNESIUM ION'                                                                   ?        'Mg 2'            
24.305  
# 
_exptl.entry_id          2I2I 
_exptl.method            'X-RAY DIFFRACTION' 
_exptl.crystals_number   1 
# 
_exptl_crystal.id                    1 
_exptl_crystal.density_meas          ? 
_exptl_crystal.density_Matthews      2.07 
_exptl_crystal.density_percent_sol   40.48 
_exptl_crystal.description           ? 
_exptl_crystal.F_000                 ? 
_exptl_crystal.preparation           ? 
# 
_exptl_crystal_grow.crystal_id      1 
_exptl_crystal_grow.method          ? 
_exptl_crystal_grow.temp            293 
_exptl_crystal_grow.temp_details    ? 
_exptl_crystal_grow.pH              7.00 
_exptl_crystal_grow.pdbx_details    
'MAGNESIUM CHLORIDE, DNA DODECAMER, MPD, COMPOUND DB 293, SODIUM CACODYLATE BUFFER., pH 7.0, VAPOR DIFFUSION, HANGING DROP, pH 7.00' 
_exptl_crystal_grow.pdbx_pH_range   . 
# 
loop_
_exptl_crystal_grow_comp.crystal_id 
_exptl_crystal_grow_comp.id 
_exptl_crystal_grow_comp.sol_id 
_exptl_crystal_grow_comp.name 
_exptl_crystal_grow_comp.volume 
_exptl_crystal_grow_comp.conc 
_exptl_crystal_grow_comp.details 
1 1 1 'MAGNESIUM CHLORIDE' ? ? ? 
1 2 1 MPD                  ? ? ? 
1 3 1 'SODIUM CACODYLATE'  ? ? ? 
1 4 1 H2O                  ? ? ? 
1 5 2 'SODIUM CACODYLATE'  ? ? ? 
1 6 2 'MAGNESIUM CHLORIDE' ? ? ? 
1 7 2 H2O                  ? ? ? 
# 
_diffrn.id                     1 
_diffrn.ambient_temp           105.0 
_diffrn.ambient_temp_details   ? 
_diffrn.crystal_id             1 
# 
_diffrn_detector.diffrn_id              1 
_diffrn_detector.detector               'IMAGE PLATE' 
_diffrn_detector.type                   'RIGAKU RAXIS IV' 
_diffrn_detector.pdbx_collection_date   2006-08-07 
_diffrn_detector.details                'OSMIC FOCUSING MIRROR SYSTEM' 
# 
_diffrn_radiation.diffrn_id                        1 
_diffrn_radiation.wavelength_id                    1 
_diffrn_radiation.pdbx_monochromatic_or_laue_m_l   M 
_diffrn_radiation.monochromator                    'NI FILTER' 
_diffrn_radiation.pdbx_diffrn_protocol             'SINGLE WAVELENGTH' 
_diffrn_radiation.pdbx_scattering_type             x-ray 
# 
_diffrn_radiation_wavelength.id           1 
_diffrn_radiation_wavelength.wavelength   1.54178 
_diffrn_radiation_wavelength.wt           1.0 
# 
_diffrn_source.diffrn_id                   1 
_diffrn_source.source                      'ROTATING ANODE' 
_diffrn_source.type                        'RIGAKU RU200' 
_diffrn_source.pdbx_synchrotron_site       ? 
_diffrn_source.pdbx_synchrotron_beamline   ? 
_diffrn_source.pdbx_wavelength             1.54178 
_diffrn_source.pdbx_wavelength_list        ? 
# 
_reflns.entry_id                     2I2I 
_reflns.observed_criterion_sigma_I   3.000 
_reflns.observed_criterion_sigma_F   ? 
_reflns.d_resolution_low             25.340 
_reflns.d_resolution_high            1.630 
_reflns.number_obs                   8262 
_reflns.number_all                   ? 
_reflns.percent_possible_obs         98.6 
_reflns.pdbx_Rmerge_I_obs            0.032 
_reflns.pdbx_Rsym_value              ? 
_reflns.pdbx_netI_over_sigmaI        16.0000 
_reflns.B_iso_Wilson_estimate        ? 
_reflns.pdbx_redundancy              3.360 
_reflns.R_free_details               ? 
_reflns.pdbx_chi_squared             ? 
_reflns.pdbx_scaling_rejects         ? 
_reflns.pdbx_diffrn_id               1 
_reflns.pdbx_ordinal                 1 
# 
_reflns_shell.d_res_high             1.63 
_reflns_shell.d_res_low              1.69 
_reflns_shell.percent_possible_all   99.5 
_reflns_shell.Rmerge_I_obs           0.249 
_reflns_shell.pdbx_Rsym_value        ? 
_reflns_shell.meanI_over_sigI_obs    3.700 
_reflns_shell.pdbx_redundancy        3.20 
_reflns_shell.percent_possible_obs   ? 
_reflns_shell.number_unique_all      ? 
_reflns_shell.number_measured_all    ? 
_reflns_shell.number_measured_obs    ? 
_reflns_shell.number_unique_obs      ? 
_reflns_shell.pdbx_chi_squared       ? 
_reflns_shell.pdbx_diffrn_id         ? 
_reflns_shell.pdbx_ordinal           1 
# 
_refine.entry_id                                 2I2I 
_refine.ls_number_reflns_obs                     ? 
_refine.ls_number_reflns_all                     8184 
_refine.pdbx_ls_sigma_I                          ? 
_refine.pdbx_ls_sigma_F                          2.000 
_refine.pdbx_data_cutoff_high_absF               ? 
_refine.pdbx_data_cutoff_low_absF                ? 
_refine.pdbx_data_cutoff_high_rms_absF           ? 
_refine.ls_d_res_low                             8.00 
_refine.ls_d_res_high                            1.63 
_refine.ls_percent_reflns_obs                    89.0 
_refine.ls_R_factor_obs                          0.22 
_refine.ls_R_factor_all                          0.228 
_refine.ls_R_factor_R_work                       ? 
_refine.ls_R_factor_R_free                       0.313 
_refine.ls_R_factor_R_free_error                 ? 
_refine.ls_R_factor_R_free_error_details         ? 
_refine.ls_percent_reflns_R_free                 9.76 
_refine.ls_number_reflns_R_free                  799 
_refine.ls_number_parameters                     2379 
_refine.ls_number_restraints                     2537 
_refine.occupancy_min                            ? 
_refine.occupancy_max                            ? 
_refine.correlation_coeff_Fo_to_Fc               ? 
_refine.correlation_coeff_Fo_to_Fc_free          ? 
_refine.B_iso_mean                               ? 
_refine.aniso_B[1][1]                            ? 
_refine.aniso_B[2][2]                            ? 
_refine.aniso_B[3][3]                            ? 
_refine.aniso_B[1][2]                            ? 
_refine.aniso_B[1][3]                            ? 
_refine.aniso_B[2][3]                            ? 
_refine.solvent_model_details                    'MOEWS & KRETSINGER, J.MOL.BIOL.91(1973)201-228' 
_refine.solvent_model_param_ksol                 ? 
_refine.solvent_model_param_bsol                 ? 
_refine.pdbx_solvent_vdw_probe_radii             ? 
_refine.pdbx_solvent_ion_probe_radii             ? 
_refine.pdbx_solvent_shrinkage_radii             ? 
_refine.pdbx_ls_cross_valid_method               THROUGHOUT 
_refine.details                                  ? 
_refine.pdbx_starting_model                      'DNA PART OF NDB ENTRY GDL009 OR PDB ENTRY 2DBE.' 
_refine.pdbx_method_to_determine_struct          'MOLECULAR REPLACEMENT' 
_refine.pdbx_isotropic_thermal_model             ? 
_refine.pdbx_stereochemistry_target_values       'Engh & Huber' 
_refine.pdbx_stereochem_target_val_spec_case     ? 
_refine.pdbx_R_Free_selection_details            RANDOM 
_refine.pdbx_overall_ESU_R                       ? 
_refine.pdbx_overall_ESU_R_Free                  ? 
_refine.overall_SU_ML                            ? 
_refine.overall_SU_B                             ? 
_refine.ls_redundancy_reflns_obs                 ? 
_refine.overall_SU_R_Cruickshank_DPI             ? 
_refine.overall_SU_R_free                        ? 
_refine.ls_wR_factor_R_free                      ? 
_refine.ls_wR_factor_R_work                      ? 
_refine.overall_FOM_free_R_set                   ? 
_refine.overall_FOM_work_R_set                   ? 
_refine.pdbx_refine_id                           'X-RAY DIFFRACTION' 
_refine.pdbx_diffrn_id                           1 
_refine.pdbx_TLS_residual_ADP_flag               ? 
_refine.pdbx_overall_phase_error                 ? 
_refine.pdbx_overall_SU_R_free_Cruickshank_DPI   ? 
_refine.pdbx_overall_SU_R_Blow_DPI               ? 
_refine.pdbx_overall_SU_R_free_Blow_DPI          ? 
# 
_refine_analyze.entry_id                        2I2I 
_refine_analyze.Luzzati_coordinate_error_obs    ? 
_refine_analyze.Luzzati_sigma_a_obs             ? 
_refine_analyze.Luzzati_d_res_low_obs           ? 
_refine_analyze.Luzzati_coordinate_error_free   ? 
_refine_analyze.Luzzati_sigma_a_free            ? 
_refine_analyze.Luzzati_d_res_low_free          ? 
_refine_analyze.number_disordered_residues      0 
_refine_analyze.occupancy_sum_hydrogen          0.00 
_refine_analyze.occupancy_sum_non_hydrogen      594.00 
_refine_analyze.pdbx_refine_id                  'X-RAY DIFFRACTION' 
# 
_refine_hist.pdbx_refine_id                   'X-RAY DIFFRACTION' 
_refine_hist.cycle_id                         LAST 
_refine_hist.pdbx_number_atoms_protein        0 
_refine_hist.pdbx_number_atoms_nucleic_acid   486 
_refine_hist.pdbx_number_atoms_ligand         33 
_refine_hist.number_atoms_solvent             75 
_refine_hist.number_atoms_total               594 
_refine_hist.d_res_high                       1.63 
_refine_hist.d_res_low                        8.00 
# 
loop_
_refine_ls_restr.type 
_refine_ls_restr.dev_ideal 
_refine_ls_restr.dev_ideal_target 
_refine_ls_restr.weight 
_refine_ls_restr.number 
_refine_ls_restr.pdbx_refine_id 
_refine_ls_restr.pdbx_restraint_function 
s_bond_d               0.008 ? ? ? 'X-RAY DIFFRACTION' ? 
s_angle_d              0.028 ? ? ? 'X-RAY DIFFRACTION' ? 
s_similar_dist         0.000 ? ? ? 'X-RAY DIFFRACTION' ? 
s_from_restr_planes    0.015 ? ? ? 'X-RAY DIFFRACTION' ? 
s_zero_chiral_vol      0.000 ? ? ? 'X-RAY DIFFRACTION' ? 
s_non_zero_chiral_vol  0.007 ? ? ? 'X-RAY DIFFRACTION' ? 
s_anti_bump_dis_restr  0.009 ? ? ? 'X-RAY DIFFRACTION' ? 
s_rigid_bond_adp_cmpnt 0.000 ? ? ? 'X-RAY DIFFRACTION' ? 
s_similar_adp_cmpnt    0.063 ? ? ? 'X-RAY DIFFRACTION' ? 
s_approx_iso_adps      0.000 ? ? ? 'X-RAY DIFFRACTION' ? 
# 
_pdbx_refine.entry_id                                    2I2I 
_pdbx_refine.R_factor_all_no_cutoff                      0.228 
_pdbx_refine.R_factor_obs_no_cutoff                      0.22 
_pdbx_refine.free_R_factor_no_cutoff                     0.313 
_pdbx_refine.free_R_val_test_set_size_perc_no_cutoff     9.76 
_pdbx_refine.free_R_val_test_set_ct_no_cutoff            799 
_pdbx_refine.R_factor_all_4sig_cutoff                    0.212 
_pdbx_refine.R_factor_obs_4sig_cutoff                    0.205 
_pdbx_refine.free_R_factor_4sig_cutoff                   0.29 
_pdbx_refine.free_R_val_test_set_size_perc_4sig_cutoff   9.87 
_pdbx_refine.free_R_val_test_set_ct_4sig_cutoff          687 
_pdbx_refine.number_reflns_obs_4sig_cutoff               6961 
_pdbx_refine.pdbx_refine_id                              'X-RAY DIFFRACTION' 
_pdbx_refine.free_R_error_no_cutoff                      ? 
# 
_struct.entry_id                  2I2I 
_struct.title                     'Crystal structure of the DB293-D(CGCGAATTCGCG)2 complex.' 
_struct.pdbx_model_details        ? 
_struct.pdbx_CASP_flag            ? 
_struct.pdbx_model_type_details   ? 
# 
_struct_keywords.entry_id        2I2I 
_struct_keywords.pdbx_keywords   DNA 
_struct_keywords.text            'B-TYPE DNA DODECAMER WITH COMPOUND DB 293., DNA' 
# 
loop_
_struct_asym.id 
_struct_asym.pdbx_blank_PDB_chainid_flag 
_struct_asym.pdbx_modified 
_struct_asym.entity_id 
_struct_asym.details 
A N N 1 ? 
B N N 1 ? 
C N N 2 ? 
D N N 3 ? 
E N N 4 ? 
F N N 4 ? 
# 
loop_
_struct_conn.id 
_struct_conn.conn_type_id 
_struct_conn.pdbx_leaving_atom_flag 
_struct_conn.pdbx_PDB_id 
_struct_conn.ptnr1_label_asym_id 
_struct_conn.ptnr1_label_comp_id 
_struct_conn.ptnr1_label_seq_id 
_struct_conn.ptnr1_label_atom_id 
_struct_conn.pdbx_ptnr1_label_alt_id 
_struct_conn.pdbx_ptnr1_PDB_ins_code 
_struct_conn.pdbx_ptnr1_standard_comp_id 
_struct_conn.ptnr1_symmetry 
_struct_conn.ptnr2_label_asym_id 
_struct_conn.ptnr2_label_comp_id 
_struct_conn.ptnr2_label_seq_id 
_struct_conn.ptnr2_label_atom_id 
_struct_conn.pdbx_ptnr2_label_alt_id 
_struct_conn.pdbx_ptnr2_PDB_ins_code 
_struct_conn.ptnr1_auth_asym_id 
_struct_conn.ptnr1_auth_comp_id 
_struct_conn.ptnr1_auth_seq_id 
_struct_conn.ptnr2_auth_asym_id 
_struct_conn.ptnr2_auth_comp_id 
_struct_conn.ptnr2_auth_seq_id 
_struct_conn.ptnr2_symmetry 
_struct_conn.pdbx_ptnr3_label_atom_id 
_struct_conn.pdbx_ptnr3_label_seq_id 
_struct_conn.pdbx_ptnr3_label_comp_id 
_struct_conn.pdbx_ptnr3_label_asym_id 
_struct_conn.pdbx_ptnr3_label_alt_id 
_struct_conn.pdbx_ptnr3_PDB_ins_code 
_struct_conn.details 
_struct_conn.pdbx_dist_value 
_struct_conn.pdbx_value_order 
_struct_conn.pdbx_role 
metalc1  metalc ? ? C MG .  MG ? ? ? 1_555 E HOH .  O  ? ? A MG 26 A HOH 100 1_555 ? ? ? ? ? ? ?            2.117 ? ? 
metalc2  metalc ? ? C MG .  MG ? ? ? 1_555 E HOH .  O  ? ? A MG 26 A HOH 101 1_555 ? ? ? ? ? ? ?            2.130 ? ? 
metalc3  metalc ? ? C MG .  MG ? ? ? 1_555 E HOH .  O  ? ? A MG 26 A HOH 102 1_555 ? ? ? ? ? ? ?            2.118 ? ? 
metalc4  metalc ? ? C MG .  MG ? ? ? 1_555 F HOH .  O  ? ? A MG 26 B HOH 102 1_555 ? ? ? ? ? ? ?            2.128 ? ? 
metalc5  metalc ? ? C MG .  MG ? ? ? 1_555 F HOH .  O  ? ? A MG 26 B HOH 103 1_555 ? ? ? ? ? ? ?            2.130 ? ? 
metalc6  metalc ? ? C MG .  MG ? ? ? 1_555 F HOH .  O  ? ? A MG 26 B HOH 104 1_555 ? ? ? ? ? ? ?            2.114 ? ? 
hydrog1  hydrog ? ? A DC 1  N3 ? ? ? 1_555 B DG  12 N1 ? ? A DC 1  B DG  24  1_555 ? ? ? ? ? ? WATSON-CRICK ?     ? ? 
hydrog2  hydrog ? ? A DC 1  N4 ? ? ? 1_555 B DG  12 O6 ? ? A DC 1  B DG  24  1_555 ? ? ? ? ? ? WATSON-CRICK ?     ? ? 
hydrog3  hydrog ? ? A DC 1  O2 ? ? ? 1_555 B DG  12 N2 ? ? A DC 1  B DG  24  1_555 ? ? ? ? ? ? WATSON-CRICK ?     ? ? 
hydrog4  hydrog ? ? A DG 2  N1 ? ? ? 1_555 B DC  11 N3 ? ? A DG 2  B DC  23  1_555 ? ? ? ? ? ? WATSON-CRICK ?     ? ? 
hydrog5  hydrog ? ? A DG 2  N2 ? ? ? 1_555 B DC  11 O2 ? ? A DG 2  B DC  23  1_555 ? ? ? ? ? ? WATSON-CRICK ?     ? ? 
hydrog6  hydrog ? ? A DG 2  O6 ? ? ? 1_555 B DC  11 N4 ? ? A DG 2  B DC  23  1_555 ? ? ? ? ? ? WATSON-CRICK ?     ? ? 
hydrog7  hydrog ? ? A DC 3  N3 ? ? ? 1_555 B DG  10 N1 ? ? A DC 3  B DG  22  1_555 ? ? ? ? ? ? WATSON-CRICK ?     ? ? 
hydrog8  hydrog ? ? A DC 3  N4 ? ? ? 1_555 B DG  10 O6 ? ? A DC 3  B DG  22  1_555 ? ? ? ? ? ? WATSON-CRICK ?     ? ? 
hydrog9  hydrog ? ? A DC 3  O2 ? ? ? 1_555 B DG  10 N2 ? ? A DC 3  B DG  22  1_555 ? ? ? ? ? ? WATSON-CRICK ?     ? ? 
hydrog10 hydrog ? ? A DG 4  N1 ? ? ? 1_555 B DC  9  N3 ? ? A DG 4  B DC  21  1_555 ? ? ? ? ? ? WATSON-CRICK ?     ? ? 
hydrog11 hydrog ? ? A DG 4  N2 ? ? ? 1_555 B DC  9  O2 ? ? A DG 4  B DC  21  1_555 ? ? ? ? ? ? WATSON-CRICK ?     ? ? 
hydrog12 hydrog ? ? A DG 4  O6 ? ? ? 1_555 B DC  9  N4 ? ? A DG 4  B DC  21  1_555 ? ? ? ? ? ? WATSON-CRICK ?     ? ? 
hydrog13 hydrog ? ? A DA 5  N1 ? ? ? 1_555 B DT  8  N3 ? ? A DA 5  B DT  20  1_555 ? ? ? ? ? ? WATSON-CRICK ?     ? ? 
hydrog14 hydrog ? ? A DA 5  N6 ? ? ? 1_555 B DT  8  O4 ? ? A DA 5  B DT  20  1_555 ? ? ? ? ? ? WATSON-CRICK ?     ? ? 
hydrog15 hydrog ? ? A DA 6  N1 ? ? ? 1_555 B DT  7  N3 ? ? A DA 6  B DT  19  1_555 ? ? ? ? ? ? WATSON-CRICK ?     ? ? 
hydrog16 hydrog ? ? A DA 6  N6 ? ? ? 1_555 B DT  7  O4 ? ? A DA 6  B DT  19  1_555 ? ? ? ? ? ? WATSON-CRICK ?     ? ? 
hydrog17 hydrog ? ? A DT 7  N3 ? ? ? 1_555 B DA  6  N1 ? ? A DT 7  B DA  18  1_555 ? ? ? ? ? ? WATSON-CRICK ?     ? ? 
hydrog18 hydrog ? ? A DT 7  O4 ? ? ? 1_555 B DA  6  N6 ? ? A DT 7  B DA  18  1_555 ? ? ? ? ? ? WATSON-CRICK ?     ? ? 
hydrog19 hydrog ? ? A DT 8  N3 ? ? ? 1_555 B DA  5  N1 ? ? A DT 8  B DA  17  1_555 ? ? ? ? ? ? WATSON-CRICK ?     ? ? 
hydrog20 hydrog ? ? A DT 8  O4 ? ? ? 1_555 B DA  5  N6 ? ? A DT 8  B DA  17  1_555 ? ? ? ? ? ? WATSON-CRICK ?     ? ? 
hydrog21 hydrog ? ? A DC 9  N3 ? ? ? 1_555 B DG  4  N1 ? ? A DC 9  B DG  16  1_555 ? ? ? ? ? ? WATSON-CRICK ?     ? ? 
hydrog22 hydrog ? ? A DC 9  N4 ? ? ? 1_555 B DG  4  O6 ? ? A DC 9  B DG  16  1_555 ? ? ? ? ? ? WATSON-CRICK ?     ? ? 
hydrog23 hydrog ? ? A DC 9  O2 ? ? ? 1_555 B DG  4  N2 ? ? A DC 9  B DG  16  1_555 ? ? ? ? ? ? WATSON-CRICK ?     ? ? 
hydrog24 hydrog ? ? A DG 10 N1 ? ? ? 1_555 B DC  3  N3 ? ? A DG 10 B DC  15  1_555 ? ? ? ? ? ? WATSON-CRICK ?     ? ? 
hydrog25 hydrog ? ? A DG 10 N2 ? ? ? 1_555 B DC  3  O2 ? ? A DG 10 B DC  15  1_555 ? ? ? ? ? ? WATSON-CRICK ?     ? ? 
hydrog26 hydrog ? ? A DG 10 O6 ? ? ? 1_555 B DC  3  N4 ? ? A DG 10 B DC  15  1_555 ? ? ? ? ? ? WATSON-CRICK ?     ? ? 
hydrog27 hydrog ? ? A DC 11 N3 ? ? ? 1_555 B DG  2  N1 ? ? A DC 11 B DG  14  1_555 ? ? ? ? ? ? WATSON-CRICK ?     ? ? 
hydrog28 hydrog ? ? A DC 11 N4 ? ? ? 1_555 B DG  2  O6 ? ? A DC 11 B DG  14  1_555 ? ? ? ? ? ? WATSON-CRICK ?     ? ? 
hydrog29 hydrog ? ? A DC 11 O2 ? ? ? 1_555 B DG  2  N2 ? ? A DC 11 B DG  14  1_555 ? ? ? ? ? ? WATSON-CRICK ?     ? ? 
hydrog30 hydrog ? ? A DG 12 N1 ? ? ? 1_555 B DC  1  N3 ? ? A DG 12 B DC  13  1_555 ? ? ? ? ? ? WATSON-CRICK ?     ? ? 
hydrog31 hydrog ? ? A DG 12 N2 ? ? ? 1_555 B DC  1  O2 ? ? A DG 12 B DC  13  1_555 ? ? ? ? ? ? WATSON-CRICK ?     ? ? 
hydrog32 hydrog ? ? A DG 12 O6 ? ? ? 1_555 B DC  1  N4 ? ? A DG 12 B DC  13  1_555 ? ? ? ? ? ? WATSON-CRICK ?     ? ? 
# 
loop_
_struct_conn_type.id 
_struct_conn_type.criteria 
_struct_conn_type.reference 
metalc ? ? 
hydrog ? ? 
# 
loop_
_struct_site.id 
_struct_site.pdbx_evidence_code 
_struct_site.pdbx_auth_asym_id 
_struct_site.pdbx_auth_comp_id 
_struct_site.pdbx_auth_seq_id 
_struct_site.pdbx_auth_ins_code 
_struct_site.pdbx_num_residues 
_struct_site.details 
AC1 Software A MG  26 ? 6  'BINDING SITE FOR RESIDUE MG A 26'  
AC2 Software A MBC 25 ? 10 'BINDING SITE FOR RESIDUE MBC A 25' 
1   ?        ? ?   ?  ? ?  ?                                   
# 
loop_
_struct_site_gen.id 
_struct_site_gen.site_id 
_struct_site_gen.pdbx_num_res 
_struct_site_gen.label_comp_id 
_struct_site_gen.label_asym_id 
_struct_site_gen.label_seq_id 
_struct_site_gen.pdbx_auth_ins_code 
_struct_site_gen.auth_comp_id 
_struct_site_gen.auth_asym_id 
_struct_site_gen.auth_seq_id 
_struct_site_gen.label_atom_id 
_struct_site_gen.label_alt_id 
_struct_site_gen.symmetry 
_struct_site_gen.details 
1  AC1 6  HOH E . ? HOH A 100 . ? 1_555 ? 
2  AC1 6  HOH E . ? HOH A 101 . ? 1_555 ? 
3  AC1 6  HOH E . ? HOH A 102 . ? 1_555 ? 
4  AC1 6  HOH F . ? HOH B 102 . ? 1_555 ? 
5  AC1 6  HOH F . ? HOH B 103 . ? 1_555 ? 
6  AC1 6  HOH F . ? HOH B 104 . ? 1_555 ? 
7  AC2 10 DT  A 7 ? DT  A 7   . ? 1_555 ? 
8  AC2 10 DT  A 8 ? DT  A 8   . ? 1_555 ? 
9  AC2 10 DC  A 9 ? DC  A 9   . ? 1_555 ? 
10 AC2 10 HOH E . ? HOH A 48  . ? 1_555 ? 
11 AC2 10 HOH E . ? HOH A 55  . ? 1_555 ? 
12 AC2 10 DA  B 5 ? DA  B 17  . ? 1_555 ? 
13 AC2 10 DA  B 6 ? DA  B 18  . ? 1_555 ? 
14 AC2 10 DT  B 7 ? DT  B 19  . ? 1_555 ? 
15 AC2 10 DT  B 8 ? DT  B 20  . ? 1_555 ? 
16 AC2 10 DC  B 9 ? DC  B 21  . ? 1_555 ? 
# 
_atom_sites.entry_id                    2I2I 
_atom_sites.fract_transf_matrix[1][1]   -0.01423533 
_atom_sites.fract_transf_matrix[1][2]   -0.03880812 
_atom_sites.fract_transf_matrix[1][3]   0.00147749 
_atom_sites.fract_transf_matrix[2][1]   -0.02206786 
_atom_sites.fract_transf_matrix[2][2]   0.00842356 
_atom_sites.fract_transf_matrix[2][3]   0.00863573 
_atom_sites.fract_transf_matrix[3][1]   -0.00508169 
_atom_sites.fract_transf_matrix[3][2]   0.00132060 
_atom_sites.fract_transf_matrix[3][3]   -0.01427397 
_atom_sites.fract_transf_vector[1]      0.574147 
_atom_sites.fract_transf_vector[2]      0.519601 
_atom_sites.fract_transf_vector[3]      0.144362 
# 
loop_
_atom_type.symbol 
C  
MG 
N  
O  
P  
# 
loop_
_atom_site.group_PDB 
_atom_site.id 
_atom_site.type_symbol 
_atom_site.label_atom_id 
_atom_site.label_alt_id 
_atom_site.label_comp_id 
_atom_site.label_asym_id 
_atom_site.label_entity_id 
_atom_site.label_seq_id 
_atom_site.pdbx_PDB_ins_code 
_atom_site.Cartn_x 
_atom_site.Cartn_y 
_atom_site.Cartn_z 
_atom_site.occupancy 
_atom_site.B_iso_or_equiv 
_atom_site.pdbx_formal_charge 
_atom_site.auth_seq_id 
_atom_site.auth_comp_id 
_atom_site.auth_asym_id 
_atom_site.auth_atom_id 
_atom_site.pdbx_PDB_model_num 
ATOM   1   O  "O5'" . DC  A 1 1  ? -18.664 0.406   -8.906  1.00 30.63 ? 1   DC  A "O5'" 1 
ATOM   2   C  "C5'" . DC  A 1 1  ? -17.430 0.844   -9.495  1.00 24.31 ? 1   DC  A "C5'" 1 
ATOM   3   C  "C4'" . DC  A 1 1  ? -16.697 -0.372  -10.015 1.00 25.84 ? 1   DC  A "C4'" 1 
ATOM   4   O  "O4'" . DC  A 1 1  ? -15.686 0.057   -10.931 1.00 20.88 ? 1   DC  A "O4'" 1 
ATOM   5   C  "C3'" . DC  A 1 1  ? -15.998 -1.176  -8.929  1.00 27.72 ? 1   DC  A "C3'" 1 
ATOM   6   O  "O3'" . DC  A 1 1  ? -16.080 -2.579  -9.172  1.00 24.62 ? 1   DC  A "O3'" 1 
ATOM   7   C  "C2'" . DC  A 1 1  ? -14.592 -0.652  -9.005  1.00 19.97 ? 1   DC  A "C2'" 1 
ATOM   8   C  "C1'" . DC  A 1 1  ? -14.416 -0.441  -10.495 1.00 21.54 ? 1   DC  A "C1'" 1 
ATOM   9   N  N1    . DC  A 1 1  ? -13.479 0.575   -10.965 1.00 22.65 ? 1   DC  A N1    1 
ATOM   10  C  C2    . DC  A 1 1  ? -12.645 0.232   -12.046 1.00 26.45 ? 1   DC  A C2    1 
ATOM   11  O  O2    . DC  A 1 1  ? -12.742 -0.904  -12.534 1.00 29.40 ? 1   DC  A O2    1 
ATOM   12  N  N3    . DC  A 1 1  ? -11.772 1.144   -12.505 1.00 25.65 ? 1   DC  A N3    1 
ATOM   13  C  C4    . DC  A 1 1  ? -11.697 2.357   -11.952 1.00 29.25 ? 1   DC  A C4    1 
ATOM   14  N  N4    . DC  A 1 1  ? -10.805 3.226   -12.454 1.00 29.48 ? 1   DC  A N4    1 
ATOM   15  C  C5    . DC  A 1 1  ? -12.533 2.728   -10.858 1.00 22.74 ? 1   DC  A C5    1 
ATOM   16  C  C6    . DC  A 1 1  ? -13.396 1.814   -10.411 1.00 19.70 ? 1   DC  A C6    1 
ATOM   17  P  P     . DG  A 1 2  ? -15.627 -3.600  -8.012  1.00 29.38 ? 2   DG  A P     1 
ATOM   18  O  OP1   . DG  A 1 2  ? -16.425 -4.837  -8.174  1.00 37.25 ? 2   DG  A OP1   1 
ATOM   19  O  OP2   . DG  A 1 2  ? -15.623 -2.861  -6.729  1.00 22.85 ? 2   DG  A OP2   1 
ATOM   20  O  "O5'" . DG  A 1 2  ? -14.109 -3.939  -8.396  1.00 28.35 ? 2   DG  A "O5'" 1 
ATOM   21  C  "C5'" . DG  A 1 2  ? -13.860 -4.549  -9.666  1.00 33.56 ? 2   DG  A "C5'" 1 
ATOM   22  C  "C4'" . DG  A 1 2  ? -12.543 -5.279  -9.700  1.00 26.05 ? 2   DG  A "C4'" 1 
ATOM   23  O  "O4'" . DG  A 1 2  ? -11.518 -4.386  -10.213 1.00 25.00 ? 2   DG  A "O4'" 1 
ATOM   24  C  "C3'" . DG  A 1 2  ? -11.965 -5.751  -8.372  1.00 27.20 ? 2   DG  A "C3'" 1 
ATOM   25  O  "O3'" . DG  A 1 2  ? -11.180 -6.916  -8.574  1.00 28.11 ? 2   DG  A "O3'" 1 
ATOM   26  C  "C2'" . DG  A 1 2  ? -11.149 -4.582  -7.901  1.00 21.58 ? 2   DG  A "C2'" 1 
ATOM   27  C  "C1'" . DG  A 1 2  ? -10.551 -4.087  -9.210  1.00 24.94 ? 2   DG  A "C1'" 1 
ATOM   28  N  N9    . DG  A 1 2  ? -10.315 -2.645  -9.328  1.00 22.94 ? 2   DG  A N9    1 
ATOM   29  C  C8    . DG  A 1 2  ? -10.856 -1.599  -8.615  1.00 16.15 ? 2   DG  A C8    1 
ATOM   30  N  N7    . DG  A 1 2  ? -10.412 -0.429  -8.997  1.00 20.78 ? 2   DG  A N7    1 
ATOM   31  C  C5    . DG  A 1 2  ? -9.521  -0.706  -10.026 1.00 21.86 ? 2   DG  A C5    1 
ATOM   32  C  C6    . DG  A 1 2  ? -8.725  0.147   -10.833 1.00 21.15 ? 2   DG  A C6    1 
ATOM   33  O  O6    . DG  A 1 2  ? -8.625  1.380   -10.821 1.00 22.26 ? 2   DG  A O6    1 
ATOM   34  N  N1    . DG  A 1 2  ? -7.959  -0.554  -11.764 1.00 16.61 ? 2   DG  A N1    1 
ATOM   35  C  C2    . DG  A 1 2  ? -7.980  -1.919  -11.880 1.00 18.22 ? 2   DG  A C2    1 
ATOM   36  N  N2    . DG  A 1 2  ? -7.192  -2.452  -12.818 1.00 18.16 ? 2   DG  A N2    1 
ATOM   37  N  N3    . DG  A 1 2  ? -8.715  -2.742  -11.137 1.00 20.69 ? 2   DG  A N3    1 
ATOM   38  C  C4    . DG  A 1 2  ? -9.454  -2.066  -10.238 1.00 22.49 ? 2   DG  A C4    1 
ATOM   39  P  P     . DC  A 1 3  ? -10.627 -7.835  -7.379  1.00 27.37 ? 3   DC  A P     1 
ATOM   40  O  OP1   . DC  A 1 3  ? -11.117 -9.220  -7.612  1.00 25.15 ? 3   DC  A OP1   1 
ATOM   41  O  OP2   . DC  A 1 3  ? -10.916 -7.150  -6.115  1.00 25.29 ? 3   DC  A OP2   1 
ATOM   42  O  "O5'" . DC  A 1 3  ? -9.041  -7.877  -7.635  1.00 25.83 ? 3   DC  A "O5'" 1 
ATOM   43  C  "C5'" . DC  A 1 3  ? -8.599  -8.304  -8.933  1.00 24.69 ? 3   DC  A "C5'" 1 
ATOM   44  C  "C4'" . DC  A 1 3  ? -7.340  -7.582  -9.349  1.00 18.63 ? 3   DC  A "C4'" 1 
ATOM   45  O  "O4'" . DC  A 1 3  ? -7.528  -6.184  -9.584  1.00 21.17 ? 3   DC  A "O4'" 1 
ATOM   46  C  "C3'" . DC  A 1 3  ? -6.258  -7.639  -8.261  1.00 23.15 ? 3   DC  A "C3'" 1 
ATOM   47  O  "O3'" . DC  A 1 3  ? -5.465  -8.798  -8.478  1.00 26.86 ? 3   DC  A "O3'" 1 
ATOM   48  C  "C2'" . DC  A 1 3  ? -5.485  -6.374  -8.409  1.00 30.99 ? 3   DC  A "C2'" 1 
ATOM   49  C  "C1'" . DC  A 1 3  ? -6.344  -5.466  -9.258  1.00 24.83 ? 3   DC  A "C1'" 1 
ATOM   50  N  N1    . DC  A 1 3  ? -6.748  -4.236  -8.563  1.00 23.20 ? 3   DC  A N1    1 
ATOM   51  C  C2    . DC  A 1 3  ? -6.219  -3.031  -9.036  1.00 19.73 ? 3   DC  A C2    1 
ATOM   52  O  O2    . DC  A 1 3  ? -5.448  -3.100  -10.005 1.00 20.66 ? 3   DC  A O2    1 
ATOM   53  N  N3    . DC  A 1 3  ? -6.553  -1.872  -8.436  1.00 19.99 ? 3   DC  A N3    1 
ATOM   54  C  C4    . DC  A 1 3  ? -7.393  -1.881  -7.393  1.00 22.19 ? 3   DC  A C4    1 
ATOM   55  N  N4    . DC  A 1 3  ? -7.689  -0.703  -6.841  1.00 20.77 ? 3   DC  A N4    1 
ATOM   56  C  C5    . DC  A 1 3  ? -7.942  -3.099  -6.894  1.00 20.78 ? 3   DC  A C5    1 
ATOM   57  C  C6    . DC  A 1 3  ? -7.607  -4.244  -7.494  1.00 19.86 ? 3   DC  A C6    1 
ATOM   58  P  P     . DG  A 1 4  ? -4.248  -9.204  -7.521  1.00 31.96 ? 4   DG  A P     1 
ATOM   59  O  OP1   . DG  A 1 4  ? -4.052  -10.676 -7.669  1.00 40.70 ? 4   DG  A OP1   1 
ATOM   60  O  OP2   . DG  A 1 4  ? -4.517  -8.681  -6.162  1.00 24.02 ? 4   DG  A OP2   1 
ATOM   61  O  "O5'" . DG  A 1 4  ? -3.018  -8.447  -8.139  1.00 25.21 ? 4   DG  A "O5'" 1 
ATOM   62  C  "C5'" . DG  A 1 4  ? -2.506  -8.533  -9.468  1.00 22.89 ? 4   DG  A "C5'" 1 
ATOM   63  C  "C4'" . DG  A 1 4  ? -1.346  -7.576  -9.629  1.00 20.46 ? 4   DG  A "C4'" 1 
ATOM   64  O  "O4'" . DG  A 1 4  ? -1.810  -6.229  -9.407  1.00 27.37 ? 4   DG  A "O4'" 1 
ATOM   65  C  "C3'" . DG  A 1 4  ? -0.195  -7.792  -8.654  1.00 28.22 ? 4   DG  A "C3'" 1 
ATOM   66  O  "O3'" . DG  A 1 4  ? 1.072   -7.628  -9.292  1.00 40.30 ? 4   DG  A "O3'" 1 
ATOM   67  C  "C2'" . DG  A 1 4  ? -0.401  -6.756  -7.582  1.00 25.03 ? 4   DG  A "C2'" 1 
ATOM   68  C  "C1'" . DG  A 1 4  ? -1.098  -5.637  -8.342  1.00 25.22 ? 4   DG  A "C1'" 1 
ATOM   69  N  N9    . DG  A 1 4  ? -2.071  -4.897  -7.522  1.00 25.94 ? 4   DG  A N9    1 
ATOM   70  C  C8    . DG  A 1 4  ? -2.941  -5.376  -6.572  1.00 20.26 ? 4   DG  A C8    1 
ATOM   71  N  N7    . DG  A 1 4  ? -3.663  -4.427  -6.040  1.00 27.47 ? 4   DG  A N7    1 
ATOM   72  C  C5    . DG  A 1 4  ? -3.250  -3.260  -6.668  1.00 22.06 ? 4   DG  A C5    1 
ATOM   73  C  C6    . DG  A 1 4  ? -3.667  -1.916  -6.512  1.00 20.30 ? 4   DG  A C6    1 
ATOM   74  O  O6    . DG  A 1 4  ? -4.521  -1.424  -5.763  1.00 24.46 ? 4   DG  A O6    1 
ATOM   75  N  N1    . DG  A 1 4  ? -2.954  -1.078  -7.373  1.00 21.29 ? 4   DG  A N1    1 
ATOM   76  C  C2    . DG  A 1 4  ? -1.984  -1.462  -8.258  1.00 19.32 ? 4   DG  A C2    1 
ATOM   77  N  N2    . DG  A 1 4  ? -1.439  -0.472  -8.984  1.00 22.76 ? 4   DG  A N2    1 
ATOM   78  N  N3    . DG  A 1 4  ? -1.581  -2.721  -8.418  1.00 18.02 ? 4   DG  A N3    1 
ATOM   79  C  C4    . DG  A 1 4  ? -2.261  -3.536  -7.591  1.00 23.15 ? 4   DG  A C4    1 
ATOM   80  P  P     . DA  A 1 5  ? 2.468   -7.725  -8.483  1.00 38.46 ? 5   DA  A P     1 
ATOM   81  O  OP1   . DA  A 1 5  ? 3.449   -8.354  -9.405  1.00 56.96 ? 5   DA  A OP1   1 
ATOM   82  O  OP2   . DA  A 1 5  ? 2.217   -8.250  -7.133  1.00 36.02 ? 5   DA  A OP2   1 
ATOM   83  O  "O5'" . DA  A 1 5  ? 2.883   -6.183  -8.337  1.00 29.85 ? 5   DA  A "O5'" 1 
ATOM   84  C  "C5'" . DA  A 1 5  ? 2.874   -5.452  -9.577  1.00 26.25 ? 5   DA  A "C5'" 1 
ATOM   85  C  "C4'" . DA  A 1 5  ? 3.242   -4.017  -9.321  1.00 27.00 ? 5   DA  A "C4'" 1 
ATOM   86  O  "O4'" . DA  A 1 5  ? 2.189   -3.341  -8.614  1.00 25.70 ? 5   DA  A "O4'" 1 
ATOM   87  C  "C3'" . DA  A 1 5  ? 4.505   -3.864  -8.467  1.00 21.49 ? 5   DA  A "C3'" 1 
ATOM   88  O  "O3'" . DA  A 1 5  ? 5.331   -2.884  -9.082  1.00 26.65 ? 5   DA  A "O3'" 1 
ATOM   89  C  "C2'" . DA  A 1 5  ? 3.981   -3.476  -7.117  1.00 24.01 ? 5   DA  A "C2'" 1 
ATOM   90  C  "C1'" . DA  A 1 5  ? 2.683   -2.747  -7.416  1.00 24.04 ? 5   DA  A "C1'" 1 
ATOM   91  N  N9    . DA  A 1 5  ? 1.596   -2.887  -6.439  1.00 18.63 ? 5   DA  A N9    1 
ATOM   92  C  C8    . DA  A 1 5  ? 1.234   -4.063  -5.818  1.00 25.78 ? 5   DA  A C8    1 
ATOM   93  N  N7    . DA  A 1 5  ? 0.229   -3.912  -4.988  1.00 25.57 ? 5   DA  A N7    1 
ATOM   94  C  C5    . DA  A 1 5  ? -0.099  -2.571  -5.053  1.00 22.71 ? 5   DA  A C5    1 
ATOM   95  C  C6    . DA  A 1 5  ? -1.080  -1.794  -4.409  1.00 19.41 ? 5   DA  A C6    1 
ATOM   96  N  N6    . DA  A 1 5  ? -1.965  -2.274  -3.519  1.00 17.96 ? 5   DA  A N6    1 
ATOM   97  N  N1    . DA  A 1 5  ? -1.136  -0.474  -4.705  1.00 22.20 ? 5   DA  A N1    1 
ATOM   98  C  C2    . DA  A 1 5  ? -0.263  0.015   -5.589  1.00 24.55 ? 5   DA  A C2    1 
ATOM   99  N  N3    . DA  A 1 5  ? 0.700   -0.623  -6.255  1.00 26.16 ? 5   DA  A N3    1 
ATOM   100 C  C4    . DA  A 1 5  ? 0.747   -1.930  -5.955  1.00 24.56 ? 5   DA  A C4    1 
ATOM   101 P  P     . DA  A 1 6  ? 6.628   -2.246  -8.428  1.00 26.37 ? 6   DA  A P     1 
ATOM   102 O  OP1   . DA  A 1 6  ? 7.408   -1.607  -9.543  1.00 23.78 ? 6   DA  A OP1   1 
ATOM   103 O  OP2   . DA  A 1 6  ? 7.288   -3.290  -7.609  1.00 27.33 ? 6   DA  A OP2   1 
ATOM   104 O  "O5'" . DA  A 1 6  ? 6.115   -1.108  -7.458  1.00 21.16 ? 6   DA  A "O5'" 1 
ATOM   105 C  "C5'" . DA  A 1 6  ? 5.515   0.094   -7.931  1.00 20.18 ? 6   DA  A "C5'" 1 
ATOM   106 C  "C4'" . DA  A 1 6  ? 5.197   1.034   -6.801  1.00 25.54 ? 6   DA  A "C4'" 1 
ATOM   107 O  "O4'" . DA  A 1 6  ? 4.112   0.547   -5.986  1.00 31.87 ? 6   DA  A "O4'" 1 
ATOM   108 C  "C3'" . DA  A 1 6  ? 6.379   1.244   -5.836  1.00 21.33 ? 6   DA  A "C3'" 1 
ATOM   109 O  "O3'" . DA  A 1 6  ? 6.682   2.632   -5.874  1.00 19.97 ? 6   DA  A "O3'" 1 
ATOM   110 C  "C2'" . DA  A 1 6  ? 5.904   0.723   -4.514  1.00 20.66 ? 6   DA  A "C2'" 1 
ATOM   111 C  "C1'" . DA  A 1 6  ? 4.394   0.778   -4.601  1.00 20.92 ? 6   DA  A "C1'" 1 
ATOM   112 N  N9    . DA  A 1 6  ? 3.626   -0.254  -3.915  1.00 16.25 ? 6   DA  A N9    1 
ATOM   113 C  C8    . DA  A 1 6  ? 3.871   -1.612  -3.941  1.00 25.35 ? 6   DA  A C8    1 
ATOM   114 N  N7    . DA  A 1 6  ? 3.023   -2.320  -3.237  1.00 28.84 ? 6   DA  A N7    1 
ATOM   115 C  C5    . DA  A 1 6  ? 2.159   -1.363  -2.712  1.00 24.15 ? 6   DA  A C5    1 
ATOM   116 C  C6    . DA  A 1 6  ? 1.033   -1.479  -1.874  1.00 16.63 ? 6   DA  A C6    1 
ATOM   117 N  N6    . DA  A 1 6  ? 0.589   -2.648  -1.413  1.00 17.93 ? 6   DA  A N6    1 
ATOM   118 N  N1    . DA  A 1 6  ? 0.395   -0.338  -1.539  1.00 24.13 ? 6   DA  A N1    1 
ATOM   119 C  C2    . DA  A 1 6  ? 0.856   0.825   -2.011  1.00 27.64 ? 6   DA  A C2    1 
ATOM   120 N  N3    . DA  A 1 6  ? 1.899   1.051   -2.803  1.00 25.77 ? 6   DA  A N3    1 
ATOM   121 C  C4    . DA  A 1 6  ? 2.515   -0.098  -3.119  1.00 21.51 ? 6   DA  A C4    1 
ATOM   122 P  P     . DT  A 1 7  ? 7.781   3.320   -4.956  1.00 23.63 ? 7   DT  A P     1 
ATOM   123 O  OP1   . DT  A 1 7  ? 8.261   4.545   -5.645  1.00 23.59 ? 7   DT  A OP1   1 
ATOM   124 O  OP2   . DT  A 1 7  ? 8.731   2.276   -4.490  1.00 23.83 ? 7   DT  A OP2   1 
ATOM   125 O  "O5'" . DT  A 1 7  ? 6.928   3.762   -3.672  1.00 23.42 ? 7   DT  A "O5'" 1 
ATOM   126 C  "C5'" . DT  A 1 7  ? 5.817   4.661   -3.807  1.00 27.40 ? 7   DT  A "C5'" 1 
ATOM   127 C  "C4'" . DT  A 1 7  ? 5.112   4.753   -2.471  1.00 25.82 ? 7   DT  A "C4'" 1 
ATOM   128 O  "O4'" . DT  A 1 7  ? 4.558   3.482   -2.099  1.00 25.65 ? 7   DT  A "O4'" 1 
ATOM   129 C  "C3'" . DT  A 1 7  ? 6.023   5.158   -1.303  1.00 28.03 ? 7   DT  A "C3'" 1 
ATOM   130 O  "O3'" . DT  A 1 7  ? 5.598   6.435   -0.836  1.00 28.76 ? 7   DT  A "O3'" 1 
ATOM   131 C  "C2'" . DT  A 1 7  ? 5.880   4.050   -0.300  1.00 21.08 ? 7   DT  A "C2'" 1 
ATOM   132 C  "C1'" . DT  A 1 7  ? 4.570   3.380   -0.665  1.00 26.14 ? 7   DT  A "C1'" 1 
ATOM   133 N  N1    . DT  A 1 7  ? 4.373   1.952   -0.383  1.00 21.95 ? 7   DT  A N1    1 
ATOM   134 C  C2    . DT  A 1 7  ? 3.298   1.603   0.411   1.00 23.90 ? 7   DT  A C2    1 
ATOM   135 O  O2    . DT  A 1 7  ? 2.530   2.430   0.870   1.00 23.39 ? 7   DT  A O2    1 
ATOM   136 N  N3    . DT  A 1 7  ? 3.144   0.269   0.651   1.00 20.85 ? 7   DT  A N3    1 
ATOM   137 C  C4    . DT  A 1 7  ? 3.934   -0.763  0.199   1.00 19.30 ? 7   DT  A C4    1 
ATOM   138 O  O4    . DT  A 1 7  ? 3.661   -1.914  0.507   1.00 21.11 ? 7   DT  A O4    1 
ATOM   139 C  C5    . DT  A 1 7  ? 5.044   -0.339  -0.629  1.00 14.96 ? 7   DT  A C5    1 
ATOM   140 C  C7    . DT  A 1 7  ? 5.952   -1.403  -1.160  1.00 21.88 ? 7   DT  A C7    1 
ATOM   141 C  C6    . DT  A 1 7  ? 5.194   0.966   -0.865  1.00 16.27 ? 7   DT  A C6    1 
ATOM   142 P  P     . DT  A 1 8  ? 6.353   7.333   0.252   1.00 28.77 ? 8   DT  A P     1 
ATOM   143 O  OP1   . DT  A 1 8  ? 6.162   8.745   -0.150  1.00 27.79 ? 8   DT  A OP1   1 
ATOM   144 O  OP2   . DT  A 1 8  ? 7.725   6.797   0.461   1.00 29.09 ? 8   DT  A OP2   1 
ATOM   145 O  "O5'" . DT  A 1 8  ? 5.520   7.033   1.563   1.00 28.32 ? 8   DT  A "O5'" 1 
ATOM   146 C  "C5'" . DT  A 1 8  ? 4.095   7.196   1.512   1.00 25.18 ? 8   DT  A "C5'" 1 
ATOM   147 C  "C4'" . DT  A 1 8  ? 3.506   6.710   2.811   1.00 25.20 ? 8   DT  A "C4'" 1 
ATOM   148 O  "O4'" . DT  A 1 8  ? 3.462   5.280   2.807   1.00 31.08 ? 8   DT  A "O4'" 1 
ATOM   149 C  "C3'" . DT  A 1 8  ? 4.307   7.107   4.056   1.00 30.50 ? 8   DT  A "C3'" 1 
ATOM   150 O  "O3'" . DT  A 1 8  ? 3.499   8.015   4.801   1.00 38.31 ? 8   DT  A "O3'" 1 
ATOM   151 C  "C2'" . DT  A 1 8  ? 4.612   5.814   4.748   1.00 27.77 ? 8   DT  A "C2'" 1 
ATOM   152 C  "C1'" . DT  A 1 8  ? 3.628   4.826   4.156   1.00 26.56 ? 8   DT  A "C1'" 1 
ATOM   153 N  N1    . DT  A 1 8  ? 4.018   3.438   3.978   1.00 20.44 ? 8   DT  A N1    1 
ATOM   154 C  C2    . DT  A 1 8  ? 3.226   2.418   4.420   1.00 20.29 ? 8   DT  A C2    1 
ATOM   155 O  O2    . DT  A 1 8  ? 2.155   2.525   4.990   1.00 28.01 ? 8   DT  A O2    1 
ATOM   156 N  N3    . DT  A 1 8  ? 3.728   1.168   4.179   1.00 28.05 ? 8   DT  A N3    1 
ATOM   157 C  C4    . DT  A 1 8  ? 4.907   0.813   3.558   1.00 20.94 ? 8   DT  A C4    1 
ATOM   158 O  O4    . DT  A 1 8  ? 5.170   -0.374  3.440   1.00 25.03 ? 8   DT  A O4    1 
ATOM   159 C  C5    . DT  A 1 8  ? 5.702   1.928   3.108   1.00 27.61 ? 8   DT  A C5    1 
ATOM   160 C  C7    . DT  A 1 8  ? 7.006   1.631   2.417   1.00 30.99 ? 8   DT  A C7    1 
ATOM   161 C  C6    . DT  A 1 8  ? 5.223   3.156   3.339   1.00 28.05 ? 8   DT  A C6    1 
ATOM   162 P  P     . DC  A 1 9  ? 3.759   8.495   6.296   1.00 33.81 ? 9   DC  A P     1 
ATOM   163 O  OP1   . DC  A 1 9  ? 2.983   9.753   6.506   1.00 30.58 ? 9   DC  A OP1   1 
ATOM   164 O  OP2   . DC  A 1 9  ? 5.225   8.515   6.530   1.00 32.46 ? 9   DC  A OP2   1 
ATOM   165 O  "O5'" . DC  A 1 9  ? 3.117   7.371   7.221   1.00 33.11 ? 9   DC  A "O5'" 1 
ATOM   166 C  "C5'" . DC  A 1 9  ? 1.738   7.016   7.083   1.00 36.78 ? 9   DC  A "C5'" 1 
ATOM   167 C  "C4'" . DC  A 1 9  ? 1.367   5.971   8.115   1.00 37.35 ? 9   DC  A "C4'" 1 
ATOM   168 O  "O4'" . DC  A 1 9  ? 1.919   4.700   7.701   1.00 44.33 ? 9   DC  A "O4'" 1 
ATOM   169 C  "C3'" . DC  A 1 9  ? 1.887   6.225   9.523   1.00 34.03 ? 9   DC  A "C3'" 1 
ATOM   170 O  "O3'" . DC  A 1 9  ? 0.797   6.223   10.434  1.00 49.54 ? 9   DC  A "O3'" 1 
ATOM   171 C  "C2'" . DC  A 1 9  ? 2.849   5.106   9.800   1.00 35.10 ? 9   DC  A "C2'" 1 
ATOM   172 C  "C1'" . DC  A 1 9  ? 2.456   4.007   8.836   1.00 40.71 ? 9   DC  A "C1'" 1 
ATOM   173 N  N1    . DC  A 1 9  ? 3.518   3.152   8.289   1.00 31.47 ? 9   DC  A N1    1 
ATOM   174 C  C2    . DC  A 1 9  ? 3.378   1.769   8.284   1.00 24.23 ? 9   DC  A C2    1 
ATOM   175 O  O2    . DC  A 1 9  ? 2.368   1.202   8.738   1.00 31.49 ? 9   DC  A O2    1 
ATOM   176 N  N3    . DC  A 1 9  ? 4.379   1.007   7.770   1.00 29.13 ? 9   DC  A N3    1 
ATOM   177 C  C4    . DC  A 1 9  ? 5.481   1.588   7.274   1.00 30.88 ? 9   DC  A C4    1 
ATOM   178 N  N4    . DC  A 1 9  ? 6.437   0.793   6.778   1.00 25.58 ? 9   DC  A N4    1 
ATOM   179 C  C5    . DC  A 1 9  ? 5.645   2.997   7.268   1.00 32.55 ? 9   DC  A C5    1 
ATOM   180 C  C6    . DC  A 1 9  ? 4.651   3.734   7.776   1.00 32.65 ? 9   DC  A C6    1 
ATOM   181 P  P     . DG  A 1 10 ? 0.726   6.965   11.851  1.00 54.30 ? 10  DG  A P     1 
ATOM   182 O  OP1   . DG  A 1 10 ? -0.660  7.479   11.972  1.00 44.72 ? 10  DG  A OP1   1 
ATOM   183 O  OP2   . DG  A 1 10 ? 1.915   7.835   12.014  1.00 39.70 ? 10  DG  A OP2   1 
ATOM   184 O  "O5'" . DG  A 1 10 ? 0.894   5.773   12.920  1.00 46.26 ? 10  DG  A "O5'" 1 
ATOM   185 C  "C5'" . DG  A 1 10 ? 0.140   4.563   12.759  1.00 46.65 ? 10  DG  A "C5'" 1 
ATOM   186 C  "C4'" . DG  A 1 10 ? 0.819   3.456   13.528  1.00 48.18 ? 10  DG  A "C4'" 1 
ATOM   187 O  "O4'" . DG  A 1 10 ? 1.861   2.904   12.670  1.00 42.69 ? 10  DG  A "O4'" 1 
ATOM   188 C  "C3'" . DG  A 1 10 ? 1.518   3.843   14.809  1.00 48.39 ? 10  DG  A "C3'" 1 
ATOM   189 O  "O3'" . DG  A 1 10 ? 1.516   2.811   15.783  1.00 53.09 ? 10  DG  A "O3'" 1 
ATOM   190 C  "C2'" . DG  A 1 10 ? 2.933   4.106   14.344  1.00 48.71 ? 10  DG  A "C2'" 1 
ATOM   191 C  "C1'" . DG  A 1 10 ? 3.051   2.874   13.442  1.00 37.89 ? 10  DG  A "C1'" 1 
ATOM   192 N  N9    . DG  A 1 10 ? 4.195   2.867   12.534  1.00 34.90 ? 10  DG  A N9    1 
ATOM   193 C  C8    . DG  A 1 10 ? 4.935   3.916   12.056  1.00 34.45 ? 10  DG  A C8    1 
ATOM   194 N  N7    . DG  A 1 10 ? 5.894   3.532   11.254  1.00 29.35 ? 10  DG  A N7    1 
ATOM   195 C  C5    . DG  A 1 10 ? 5.779   2.156   11.203  1.00 30.69 ? 10  DG  A C5    1 
ATOM   196 C  C6    . DG  A 1 10 ? 6.548   1.187   10.494  1.00 26.08 ? 10  DG  A C6    1 
ATOM   197 O  O6    . DG  A 1 10 ? 7.511   1.426   9.755   1.00 28.02 ? 10  DG  A O6    1 
ATOM   198 N  N1    . DG  A 1 10 ? 6.078   -0.095  10.735  1.00 29.40 ? 10  DG  A N1    1 
ATOM   199 C  C2    . DG  A 1 10 ? 5.017   -0.428  11.542  1.00 21.21 ? 10  DG  A C2    1 
ATOM   200 N  N2    . DG  A 1 10 ? 4.701   -1.711  11.660  1.00 20.07 ? 10  DG  A N2    1 
ATOM   201 N  N3    . DG  A 1 10 ? 4.298   0.472   12.206  1.00 27.57 ? 10  DG  A N3    1 
ATOM   202 C  C4    . DG  A 1 10 ? 4.737   1.722   11.986  1.00 30.68 ? 10  DG  A C4    1 
ATOM   203 P  P     . DC  A 1 11 ? 0.548   2.838   17.064  1.00 55.46 ? 11  DC  A P     1 
ATOM   204 O  OP1   . DC  A 1 11 ? -0.696  3.560   16.703  1.00 51.90 ? 11  DC  A OP1   1 
ATOM   205 O  OP2   . DC  A 1 11 ? 1.367   3.290   18.224  1.00 48.55 ? 11  DC  A OP2   1 
ATOM   206 O  "O5'" . DC  A 1 11 ? 0.184   1.301   17.277  1.00 46.07 ? 11  DC  A "O5'" 1 
ATOM   207 C  "C5'" . DC  A 1 11 ? -0.658  0.589   16.366  1.00 37.87 ? 11  DC  A "C5'" 1 
ATOM   208 C  "C4'" . DC  A 1 11 ? -0.090  -0.771  16.062  1.00 40.26 ? 11  DC  A "C4'" 1 
ATOM   209 O  "O4'" . DC  A 1 11 ? 1.214   -0.627  15.443  1.00 44.29 ? 11  DC  A "O4'" 1 
ATOM   210 C  "C3'" . DC  A 1 11 ? 0.171   -1.683  17.255  1.00 38.39 ? 11  DC  A "C3'" 1 
ATOM   211 O  "O3'" . DC  A 1 11 ? -0.171  -3.020  16.918  1.00 35.73 ? 11  DC  A "O3'" 1 
ATOM   212 C  "C2'" . DC  A 1 11 ? 1.642   -1.503  17.539  1.00 39.64 ? 11  DC  A "C2'" 1 
ATOM   213 C  "C1'" . DC  A 1 11 ? 2.195   -1.423  16.131  1.00 42.32 ? 11  DC  A "C1'" 1 
ATOM   214 N  N1    . DC  A 1 11 ? 3.441   -0.713  15.866  1.00 33.19 ? 11  DC  A N1    1 
ATOM   215 C  C2    . DC  A 1 11 ? 4.461   -1.293  15.119  1.00 26.23 ? 11  DC  A C2    1 
ATOM   216 O  O2    . DC  A 1 11 ? 4.333   -2.436  14.665  1.00 25.73 ? 11  DC  A O2    1 
ATOM   217 N  N3    . DC  A 1 11 ? 5.589   -0.573  14.906  1.00 26.68 ? 11  DC  A N3    1 
ATOM   218 C  C4    . DC  A 1 11 ? 5.747   0.656   15.385  1.00 22.40 ? 11  DC  A C4    1 
ATOM   219 N  N4    . DC  A 1 11 ? 6.861   1.346   15.169  1.00 29.56 ? 11  DC  A N4    1 
ATOM   220 C  C5    . DC  A 1 11 ? 4.704   1.265   16.154  1.00 36.35 ? 11  DC  A C5    1 
ATOM   221 C  C6    . DC  A 1 11 ? 3.594   0.554   16.359  1.00 32.09 ? 11  DC  A C6    1 
ATOM   222 P  P     . DG  A 1 12 ? -0.481  -4.158  18.009  1.00 39.95 ? 12  DG  A P     1 
ATOM   223 O  OP1   . DG  A 1 12 ? -1.119  -5.279  17.281  1.00 35.56 ? 12  DG  A OP1   1 
ATOM   224 O  OP2   . DG  A 1 12 ? -1.085  -3.497  19.192  1.00 30.39 ? 12  DG  A OP2   1 
ATOM   225 O  "O5'" . DG  A 1 12 ? 0.971   -4.630  18.463  1.00 31.58 ? 12  DG  A "O5'" 1 
ATOM   226 C  "C5'" . DG  A 1 12 ? 1.610   -5.757  17.842  1.00 29.87 ? 12  DG  A "C5'" 1 
ATOM   227 C  "C4'" . DG  A 1 12 ? 3.028   -5.791  18.346  1.00 23.35 ? 12  DG  A "C4'" 1 
ATOM   228 O  "O4'" . DG  A 1 12 ? 3.713   -4.582  17.987  1.00 26.95 ? 12  DG  A "O4'" 1 
ATOM   229 C  "C3'" . DG  A 1 12 ? 3.156   -5.858  19.861  1.00 23.18 ? 12  DG  A "C3'" 1 
ATOM   230 O  "O3'" . DG  A 1 12 ? 3.329   -7.217  20.255  1.00 26.68 ? 12  DG  A "O3'" 1 
ATOM   231 C  "C2'" . DG  A 1 12 ? 4.347   -5.007  20.201  1.00 20.82 ? 12  DG  A "C2'" 1 
ATOM   232 C  "C1'" . DG  A 1 12 ? 4.847   -4.504  18.851  1.00 28.21 ? 12  DG  A "C1'" 1 
ATOM   233 N  N9    . DG  A 1 12 ? 5.332   -3.120  18.814  1.00 28.41 ? 12  DG  A N9    1 
ATOM   234 C  C8    . DG  A 1 12 ? 4.760   -2.028  19.426  1.00 25.79 ? 12  DG  A C8    1 
ATOM   235 N  N7    . DG  A 1 12 ? 5.432   -0.929  19.204  1.00 29.57 ? 12  DG  A N7    1 
ATOM   236 C  C5    . DG  A 1 12 ? 6.503   -1.312  18.406  1.00 28.33 ? 12  DG  A C5    1 
ATOM   237 C  C6    . DG  A 1 12 ? 7.558   -0.550  17.858  1.00 22.03 ? 12  DG  A C6    1 
ATOM   238 O  O6    . DG  A 1 12 ? 7.771   0.670   17.969  1.00 29.80 ? 12  DG  A O6    1 
ATOM   239 N  N1    . DG  A 1 12 ? 8.448   -1.320  17.100  1.00 20.21 ? 12  DG  A N1    1 
ATOM   240 C  C2    . DG  A 1 12 ? 8.312   -2.672  16.910  1.00 19.51 ? 12  DG  A C2    1 
ATOM   241 N  N2    . DG  A 1 12 ? 9.263   -3.224  16.157  1.00 23.50 ? 12  DG  A N2    1 
ATOM   242 N  N3    . DG  A 1 12 ? 7.329   -3.394  17.418  1.00 21.31 ? 12  DG  A N3    1 
ATOM   243 C  C4    . DG  A 1 12 ? 6.457   -2.670  18.153  1.00 25.28 ? 12  DG  A C4    1 
ATOM   244 O  "O5'" . DC  B 1 1  ? 16.743  1.152   14.357  1.00 32.05 ? 13  DC  B "O5'" 1 
ATOM   245 C  "C5'" . DC  B 1 1  ? 17.096  -0.180  14.012  1.00 38.14 ? 13  DC  B "C5'" 1 
ATOM   246 C  "C4'" . DC  B 1 1  ? 15.861  -0.968  13.661  1.00 31.16 ? 13  DC  B "C4'" 1 
ATOM   247 O  "O4'" . DC  B 1 1  ? 14.905  -0.864  14.755  1.00 30.23 ? 13  DC  B "O4'" 1 
ATOM   248 C  "C3'" . DC  B 1 1  ? 15.108  -0.503  12.433  1.00 23.28 ? 13  DC  B "C3'" 1 
ATOM   249 O  "O3'" . DC  B 1 1  ? 14.652  -1.608  11.658  1.00 27.83 ? 13  DC  B "O3'" 1 
ATOM   250 C  "C2'" . DC  B 1 1  ? 13.933  0.274   12.965  1.00 24.68 ? 13  DC  B "C2'" 1 
ATOM   251 C  "C1'" . DC  B 1 1  ? 13.631  -0.570  14.199  1.00 27.10 ? 13  DC  B "C1'" 1 
ATOM   252 N  N1    . DC  B 1 1  ? 12.808  0.120   15.190  1.00 25.68 ? 13  DC  B N1    1 
ATOM   253 C  C2    . DC  B 1 1  ? 11.570  -0.442  15.518  1.00 26.41 ? 13  DC  B C2    1 
ATOM   254 O  O2    . DC  B 1 1  ? 11.226  -1.496  14.966  1.00 27.17 ? 13  DC  B O2    1 
ATOM   255 N  N3    . DC  B 1 1  ? 10.779  0.163   16.426  1.00 22.33 ? 13  DC  B N3    1 
ATOM   256 C  C4    . DC  B 1 1  ? 11.195  1.306   17.001  1.00 24.72 ? 13  DC  B C4    1 
ATOM   257 N  N4    . DC  B 1 1  ? 10.382  1.873   17.895  1.00 23.23 ? 13  DC  B N4    1 
ATOM   258 C  C5    . DC  B 1 1  ? 12.447  1.898   16.680  1.00 26.17 ? 13  DC  B C5    1 
ATOM   259 C  C6    . DC  B 1 1  ? 13.220  1.280   15.779  1.00 28.27 ? 13  DC  B C6    1 
ATOM   260 P  P     . DG  B 1 2  ? 15.550  -2.180  10.460  1.00 33.76 ? 14  DG  B P     1 
ATOM   261 O  OP1   . DG  B 1 2  ? 16.948  -2.325  10.923  1.00 30.70 ? 14  DG  B OP1   1 
ATOM   262 O  OP2   . DG  B 1 2  ? 15.262  -1.367  9.248   1.00 38.83 ? 14  DG  B OP2   1 
ATOM   263 O  "O5'" . DG  B 1 2  ? 14.949  -3.640  10.242  1.00 35.93 ? 14  DG  B "O5'" 1 
ATOM   264 C  "C5'" . DG  B 1 2  ? 15.089  -4.631  11.281  1.00 35.01 ? 14  DG  B "C5'" 1 
ATOM   265 C  "C4'" . DG  B 1 2  ? 13.732  -5.277  11.461  1.00 22.89 ? 14  DG  B "C4'" 1 
ATOM   266 O  "O4'" . DG  B 1 2  ? 12.863  -4.418  12.186  1.00 23.29 ? 14  DG  B "O4'" 1 
ATOM   267 C  "C3'" . DG  B 1 2  ? 13.059  -5.542  10.126  1.00 27.45 ? 14  DG  B "C3'" 1 
ATOM   268 O  "O3'" . DG  B 1 2  ? 13.061  -6.941  9.827   1.00 29.43 ? 14  DG  B "O3'" 1 
ATOM   269 C  "C2'" . DG  B 1 2  ? 11.654  -5.023  10.264  1.00 28.50 ? 14  DG  B "C2'" 1 
ATOM   270 C  "C1'" . DG  B 1 2  ? 11.525  -4.476  11.657  1.00 26.19 ? 14  DG  B "C1'" 1 
ATOM   271 N  N9    . DG  B 1 2  ? 11.024  -3.101  11.816  1.00 27.13 ? 14  DG  B N9    1 
ATOM   272 C  C8    . DG  B 1 2  ? 11.621  -1.929  11.443  1.00 19.44 ? 14  DG  B C8    1 
ATOM   273 N  N7    . DG  B 1 2  ? 10.901  -0.877  11.732  1.00 27.33 ? 14  DG  B N7    1 
ATOM   274 C  C5    . DG  B 1 2  ? 9.743   -1.366  12.338  1.00 22.76 ? 14  DG  B C5    1 
ATOM   275 C  C6    . DG  B 1 2  ? 8.595   -0.717  12.866  1.00 21.73 ? 14  DG  B C6    1 
ATOM   276 O  O6    . DG  B 1 2  ? 8.321   0.493   12.923  1.00 22.14 ? 14  DG  B O6    1 
ATOM   277 N  N1    . DG  B 1 2  ? 7.649   -1.601  13.394  1.00 19.62 ? 14  DG  B N1    1 
ATOM   278 C  C2    . DG  B 1 2  ? 7.836   -2.966  13.390  1.00 20.92 ? 14  DG  B C2    1 
ATOM   279 N  N2    . DG  B 1 2  ? 6.881   -3.733  13.914  1.00 19.45 ? 14  DG  B N2    1 
ATOM   280 N  N3    . DG  B 1 2  ? 8.905   -3.585  12.899  1.00 21.62 ? 14  DG  B N3    1 
ATOM   281 C  C4    . DG  B 1 2  ? 9.815   -2.744  12.393  1.00 25.54 ? 14  DG  B C4    1 
ATOM   282 P  P     . DC  B 1 3  ? 12.368  -7.404  8.424   1.00 33.29 ? 15  DC  B P     1 
ATOM   283 O  OP1   . DC  B 1 3  ? 12.836  -8.786  8.186   1.00 26.38 ? 15  DC  B OP1   1 
ATOM   284 O  OP2   . DC  B 1 3  ? 12.618  -6.318  7.448   1.00 33.79 ? 15  DC  B OP2   1 
ATOM   285 O  "O5'" . DC  B 1 3  ? 10.826  -7.407  8.773   1.00 23.68 ? 15  DC  B "O5'" 1 
ATOM   286 C  "C5'" . DC  B 1 3  ? 10.197  -8.324  9.677   1.00 28.02 ? 15  DC  B "C5'" 1 
ATOM   287 C  "C4'" . DC  B 1 3  ? 8.780   -7.844  9.907   1.00 26.10 ? 15  DC  B "C4'" 1 
ATOM   288 O  "O4'" . DC  B 1 3  ? 8.774   -6.463  10.288  1.00 23.68 ? 15  DC  B "O4'" 1 
ATOM   289 C  "C3'" . DC  B 1 3  ? 7.908   -7.937  8.662   1.00 20.54 ? 15  DC  B "C3'" 1 
ATOM   290 O  "O3'" . DC  B 1 3  ? 7.104   -9.108  8.713   1.00 28.47 ? 15  DC  B "O3'" 1 
ATOM   291 C  "C2'" . DC  B 1 3  ? 7.074   -6.696  8.684   1.00 32.02 ? 15  DC  B "C2'" 1 
ATOM   292 C  "C1'" . DC  B 1 3  ? 7.580   -5.839  9.810   1.00 27.09 ? 15  DC  B "C1'" 1 
ATOM   293 N  N1    . DC  B 1 3  ? 7.936   -4.473  9.418   1.00 23.44 ? 15  DC  B N1    1 
ATOM   294 C  C2    . DC  B 1 3  ? 7.151   -3.434  9.952   1.00 15.81 ? 15  DC  B C2    1 
ATOM   295 O  O2    . DC  B 1 3  ? 6.231   -3.771  10.705  1.00 20.78 ? 15  DC  B O2    1 
ATOM   296 N  N3    . DC  B 1 3  ? 7.443   -2.162  9.618   1.00 26.25 ? 15  DC  B N3    1 
ATOM   297 C  C4    . DC  B 1 3  ? 8.457   -1.867  8.792   1.00 20.14 ? 15  DC  B C4    1 
ATOM   298 N  N4    . DC  B 1 3  ? 8.669   -0.575  8.519   1.00 26.93 ? 15  DC  B N4    1 
ATOM   299 C  C5    . DC  B 1 3  ? 9.265   -2.906  8.241   1.00 25.89 ? 15  DC  B C5    1 
ATOM   300 C  C6    . DC  B 1 3  ? 8.964   -4.167  8.577   1.00 21.58 ? 15  DC  B C6    1 
ATOM   301 P  P     . DG  B 1 4  ? 6.292   -9.624  7.421   1.00 34.29 ? 16  DG  B P     1 
ATOM   302 O  OP1   . DG  B 1 4  ? 6.360   -11.108 7.485   1.00 38.92 ? 16  DG  B OP1   1 
ATOM   303 O  OP2   . DG  B 1 4  ? 6.753   -8.870  6.237   1.00 29.71 ? 16  DG  B OP2   1 
ATOM   304 O  "O5'" . DG  B 1 4  ? 4.781   -9.186  7.712   1.00 29.11 ? 16  DG  B "O5'" 1 
ATOM   305 C  "C5'" . DG  B 1 4  ? 4.211   -9.467  8.994   1.00 24.98 ? 16  DG  B "C5'" 1 
ATOM   306 C  "C4'" . DG  B 1 4  ? 2.949   -8.657  9.188   1.00 31.60 ? 16  DG  B "C4'" 1 
ATOM   307 O  "O4'" . DG  B 1 4  ? 3.228   -7.242  9.183   1.00 30.09 ? 16  DG  B "O4'" 1 
ATOM   308 C  "C3'" . DG  B 1 4  ? 1.898   -8.846  8.093   1.00 40.86 ? 16  DG  B "C3'" 1 
ATOM   309 O  "O3'" . DG  B 1 4  ? 0.611   -8.874  8.706   1.00 40.74 ? 16  DG  B "O3'" 1 
ATOM   310 C  "C2'" . DG  B 1 4  ? 2.129   -7.686  7.166   1.00 38.51 ? 16  DG  B "C2'" 1 
ATOM   311 C  "C1'" . DG  B 1 4  ? 2.611   -6.582  8.095   1.00 32.54 ? 16  DG  B "C1'" 1 
ATOM   312 N  N9    . DG  B 1 4  ? 3.611   -5.665  7.516   1.00 28.22 ? 16  DG  B N9    1 
ATOM   313 C  C8    . DG  B 1 4  ? 4.632   -5.927  6.640   1.00 26.08 ? 16  DG  B C8    1 
ATOM   314 N  N7    . DG  B 1 4  ? 5.346   -4.881  6.321   1.00 25.93 ? 16  DG  B N7    1 
ATOM   315 C  C5    . DG  B 1 4  ? 4.761   -3.844  7.032   1.00 24.94 ? 16  DG  B C5    1 
ATOM   316 C  C6    . DG  B 1 4  ? 5.083   -2.464  7.101   1.00 21.70 ? 16  DG  B C6    1 
ATOM   317 O  O6    . DG  B 1 4  ? 5.975   -1.818  6.544   1.00 28.70 ? 16  DG  B O6    1 
ATOM   318 N  N1    . DG  B 1 4  ? 4.220   -1.773  7.951   1.00 21.74 ? 16  DG  B N1    1 
ATOM   319 C  C2    . DG  B 1 4  ? 3.185   -2.355  8.638   1.00 22.90 ? 16  DG  B C2    1 
ATOM   320 N  N2    . DG  B 1 4  ? 2.456   -1.541  9.411   1.00 30.25 ? 16  DG  B N2    1 
ATOM   321 N  N3    . DG  B 1 4  ? 2.869   -3.631  8.589   1.00 24.59 ? 16  DG  B N3    1 
ATOM   322 C  C4    . DG  B 1 4  ? 3.694   -4.314  7.770   1.00 27.44 ? 16  DG  B C4    1 
ATOM   323 P  P     . DA  B 1 5  ? -0.773  -8.655  7.943   1.00 38.36 ? 17  DA  B P     1 
ATOM   324 O  OP1   . DA  B 1 5  ? -1.794  -9.490  8.642   1.00 57.47 ? 17  DA  B OP1   1 
ATOM   325 O  OP2   . DA  B 1 5  ? -0.559  -8.842  6.494   1.00 40.88 ? 17  DA  B OP2   1 
ATOM   326 O  "O5'" . DA  B 1 5  ? -1.147  -7.138  8.220   1.00 39.68 ? 17  DA  B "O5'" 1 
ATOM   327 C  "C5'" . DA  B 1 5  ? -1.077  -6.556  9.526   1.00 30.04 ? 17  DA  B "C5'" 1 
ATOM   328 C  "C4'" . DA  B 1 5  ? -1.594  -5.142  9.465   1.00 40.85 ? 17  DA  B "C4'" 1 
ATOM   329 O  "O4'" . DA  B 1 5  ? -0.631  -4.281  8.829   1.00 36.80 ? 17  DA  B "O4'" 1 
ATOM   330 C  "C3'" . DA  B 1 5  ? -2.884  -4.985  8.659   1.00 42.85 ? 17  DA  B "C3'" 1 
ATOM   331 O  "O3'" . DA  B 1 5  ? -3.784  -4.163  9.394   1.00 45.30 ? 17  DA  B "O3'" 1 
ATOM   332 C  "C2'" . DA  B 1 5  ? -2.457  -4.387  7.344   1.00 29.97 ? 17  DA  B "C2'" 1 
ATOM   333 C  "C1'" . DA  B 1 5  ? -1.197  -3.633  7.688   1.00 31.18 ? 17  DA  B "C1'" 1 
ATOM   334 N  N9    . DA  B 1 5  ? -0.094  -3.661  6.712   1.00 25.72 ? 17  DA  B N9    1 
ATOM   335 C  C8    . DA  B 1 5  ? 0.371   -4.758  6.032   1.00 27.70 ? 17  DA  B C8    1 
ATOM   336 N  N7    . DA  B 1 5  ? 1.368   -4.481  5.226   1.00 27.54 ? 17  DA  B N7    1 
ATOM   337 C  C5    . DA  B 1 5  ? 1.561   -3.123  5.397   1.00 27.96 ? 17  DA  B C5    1 
ATOM   338 C  C6    . DA  B 1 5  ? 2.474   -2.225  4.820   1.00 24.20 ? 17  DA  B C6    1 
ATOM   339 N  N6    . DA  B 1 5  ? 3.387   -2.609  3.923   1.00 23.53 ? 17  DA  B N6    1 
ATOM   340 N  N1    . DA  B 1 5  ? 2.405   -0.947  5.200   1.00 22.77 ? 17  DA  B N1    1 
ATOM   341 C  C2    . DA  B 1 5  ? 1.485   -0.562  6.103   1.00 23.79 ? 17  DA  B C2    1 
ATOM   342 N  N3    . DA  B 1 5  ? 0.578   -1.320  6.708   1.00 22.27 ? 17  DA  B N3    1 
ATOM   343 C  C4    . DA  B 1 5  ? 0.666   -2.594  6.313   1.00 21.66 ? 17  DA  B C4    1 
ATOM   344 P  P     . DA  B 1 6  ? -5.088  -3.478  8.779   1.00 43.84 ? 18  DA  B P     1 
ATOM   345 O  OP1   . DA  B 1 6  ? -5.946  -3.084  9.932   1.00 68.67 ? 18  DA  B OP1   1 
ATOM   346 O  OP2   . DA  B 1 6  ? -5.634  -4.350  7.706   1.00 32.30 ? 18  DA  B OP2   1 
ATOM   347 O  "O5'" . DA  B 1 6  ? -4.565  -2.148  8.079   1.00 31.79 ? 18  DA  B "O5'" 1 
ATOM   348 C  "C5'" . DA  B 1 6  ? -4.129  -0.972  8.766   1.00 26.21 ? 18  DA  B "C5'" 1 
ATOM   349 C  "C4'" . DA  B 1 6  ? -3.744  0.070   7.736   1.00 28.91 ? 18  DA  B "C4'" 1 
ATOM   350 O  "O4'" . DA  B 1 6  ? -2.715  -0.440  6.861   1.00 26.19 ? 18  DA  B "O4'" 1 
ATOM   351 C  "C3'" . DA  B 1 6  ? -4.896  0.496   6.833   1.00 28.44 ? 18  DA  B "C3'" 1 
ATOM   352 O  "O3'" . DA  B 1 6  ? -5.131  1.890   7.022   1.00 35.95 ? 18  DA  B "O3'" 1 
ATOM   353 C  "C2'" . DA  B 1 6  ? -4.460  0.147   5.430   1.00 32.95 ? 18  DA  B "C2'" 1 
ATOM   354 C  "C1'" . DA  B 1 6  ? -2.954  0.044   5.542   1.00 29.17 ? 18  DA  B "C1'" 1 
ATOM   355 N  N9    . DA  B 1 6  ? -2.239  -0.923  4.685   1.00 28.20 ? 18  DA  B N9    1 
ATOM   356 C  C8    . DA  B 1 6  ? -2.453  -2.260  4.487   1.00 27.23 ? 18  DA  B C8    1 
ATOM   357 N  N7    . DA  B 1 6  ? -1.622  -2.823  3.651   1.00 25.28 ? 18  DA  B N7    1 
ATOM   358 C  C5    . DA  B 1 6  ? -0.797  -1.776  3.270   1.00 23.30 ? 18  DA  B C5    1 
ATOM   359 C  C6    . DA  B 1 6  ? 0.302   -1.707  2.392   1.00 20.07 ? 18  DA  B C6    1 
ATOM   360 N  N6    . DA  B 1 6  ? 0.769   -2.760  1.715   1.00 23.93 ? 18  DA  B N6    1 
ATOM   361 N  N1    . DA  B 1 6  ? 0.884   -0.502  2.253   1.00 18.38 ? 18  DA  B N1    1 
ATOM   362 C  C2    . DA  B 1 6  ? 0.428   0.558   2.924   1.00 27.76 ? 18  DA  B C2    1 
ATOM   363 N  N3    . DA  B 1 6  ? -0.605  0.618   3.784   1.00 30.03 ? 18  DA  B N3    1 
ATOM   364 C  C4    . DA  B 1 6  ? -1.161  -0.602  3.896   1.00 20.21 ? 18  DA  B C4    1 
ATOM   365 P  P     . DT  B 1 7  ? -6.392  2.610   6.307   1.00 39.16 ? 19  DT  B P     1 
ATOM   366 O  OP1   . DT  B 1 7  ? -6.805  3.699   7.217   1.00 36.79 ? 19  DT  B OP1   1 
ATOM   367 O  OP2   . DT  B 1 7  ? -7.275  1.541   5.800   1.00 29.99 ? 19  DT  B OP2   1 
ATOM   368 O  "O5'" . DT  B 1 7  ? -5.688  3.292   5.027   1.00 30.70 ? 19  DT  B "O5'" 1 
ATOM   369 C  "C5'" . DT  B 1 7  ? -4.396  3.877   5.235   1.00 35.27 ? 19  DT  B "C5'" 1 
ATOM   370 C  "C4'" . DT  B 1 7  ? -3.724  4.176   3.921   1.00 31.95 ? 19  DT  B "C4'" 1 
ATOM   371 O  "O4'" . DT  B 1 7  ? -3.188  2.974   3.347   1.00 28.81 ? 19  DT  B "O4'" 1 
ATOM   372 C  "C3'" . DT  B 1 7  ? -4.657  4.758   2.848   1.00 22.05 ? 19  DT  B "C3'" 1 
ATOM   373 O  "O3'" . DT  B 1 7  ? -4.237  6.100   2.630   1.00 26.04 ? 19  DT  B "O3'" 1 
ATOM   374 C  "C2'" . DT  B 1 7  ? -4.525  3.849   1.659   1.00 28.59 ? 19  DT  B "C2'" 1 
ATOM   375 C  "C1'" . DT  B 1 7  ? -3.198  3.157   1.920   1.00 26.59 ? 19  DT  B "C1'" 1 
ATOM   376 N  N1    . DT  B 1 7  ? -2.960  1.808   1.419   1.00 21.33 ? 19  DT  B N1    1 
ATOM   377 C  C2    . DT  B 1 7  ? -1.831  1.608   0.630   1.00 16.83 ? 19  DT  B C2    1 
ATOM   378 O  O2    . DT  B 1 7  ? -1.078  2.532   0.366   1.00 21.76 ? 19  DT  B O2    1 
ATOM   379 N  N3    . DT  B 1 7  ? -1.674  0.328   0.202   1.00 20.99 ? 19  DT  B N3    1 
ATOM   380 C  C4    . DT  B 1 7  ? -2.461  -0.775  0.445   1.00 22.51 ? 19  DT  B C4    1 
ATOM   381 O  O4    . DT  B 1 7  ? -2.137  -1.851  -0.039  1.00 26.27 ? 19  DT  B O4    1 
ATOM   382 C  C5    . DT  B 1 7  ? -3.622  -0.502  1.279   1.00 23.36 ? 19  DT  B C5    1 
ATOM   383 C  C7    . DT  B 1 7  ? -4.562  -1.607  1.618   1.00 27.23 ? 19  DT  B C7    1 
ATOM   384 C  C6    . DT  B 1 7  ? -3.792  0.751   1.706   1.00 20.06 ? 19  DT  B C6    1 
ATOM   385 P  P     . DT  B 1 8  ? -4.997  7.073   1.609   1.00 37.09 ? 20  DT  B P     1 
ATOM   386 O  OP1   . DT  B 1 8  ? -4.730  8.468   2.014   1.00 33.17 ? 20  DT  B OP1   1 
ATOM   387 O  OP2   . DT  B 1 8  ? -6.361  6.539   1.387   1.00 32.33 ? 20  DT  B OP2   1 
ATOM   388 O  "O5'" . DT  B 1 8  ? -4.160  6.809   0.251   1.00 28.98 ? 20  DT  B "O5'" 1 
ATOM   389 C  "C5'" . DT  B 1 8  ? -2.814  7.296   0.182   1.00 26.15 ? 20  DT  B "C5'" 1 
ATOM   390 C  "C4'" . DT  B 1 8  ? -2.193  6.794   -1.103  1.00 29.67 ? 20  DT  B "C4'" 1 
ATOM   391 O  "O4'" . DT  B 1 8  ? -2.290  5.368   -1.244  1.00 28.49 ? 20  DT  B "O4'" 1 
ATOM   392 C  "C3'" . DT  B 1 8  ? -2.874  7.349   -2.361  1.00 21.53 ? 20  DT  B "C3'" 1 
ATOM   393 O  "O3'" . DT  B 1 8  ? -1.939  8.217   -2.996  1.00 31.52 ? 20  DT  B "O3'" 1 
ATOM   394 C  "C2'" . DT  B 1 8  ? -3.263  6.158   -3.183  1.00 25.31 ? 20  DT  B "C2'" 1 
ATOM   395 C  "C1'" . DT  B 1 8  ? -2.353  5.078   -2.657  1.00 27.37 ? 20  DT  B "C1'" 1 
ATOM   396 N  N1    . DT  B 1 8  ? -2.765  3.677   -2.679  1.00 23.06 ? 20  DT  B N1    1 
ATOM   397 C  C2    . DT  B 1 8  ? -1.988  2.746   -3.330  1.00 21.74 ? 20  DT  B C2    1 
ATOM   398 O  O2    . DT  B 1 8  ? -0.948  3.012   -3.918  1.00 23.19 ? 20  DT  B O2    1 
ATOM   399 N  N3    . DT  B 1 8  ? -2.482  1.467   -3.272  1.00 25.98 ? 20  DT  B N3    1 
ATOM   400 C  C4    . DT  B 1 8  ? -3.635  1.025   -2.650  1.00 24.90 ? 20  DT  B C4    1 
ATOM   401 O  O4    . DT  B 1 8  ? -3.939  -0.162  -2.694  1.00 29.68 ? 20  DT  B O4    1 
ATOM   402 C  C5    . DT  B 1 8  ? -4.402  2.054   -1.983  1.00 26.33 ? 20  DT  B C5    1 
ATOM   403 C  C7    . DT  B 1 8  ? -5.673  1.703   -1.273  1.00 27.77 ? 20  DT  B C7    1 
ATOM   404 C  C6    . DT  B 1 8  ? -3.933  3.308   -2.028  1.00 24.62 ? 20  DT  B C6    1 
ATOM   405 P  P     . DC  B 1 9  ? -2.383  9.088   -4.281  1.00 35.07 ? 21  DC  B P     1 
ATOM   406 O  OP1   . DC  B 1 9  ? -1.465  10.249  -4.320  1.00 31.87 ? 21  DC  B OP1   1 
ATOM   407 O  OP2   . DC  B 1 9  ? -3.857  9.183   -4.296  1.00 34.31 ? 21  DC  B OP2   1 
ATOM   408 O  "O5'" . DC  B 1 9  ? -1.983  8.092   -5.467  1.00 29.35 ? 21  DC  B "O5'" 1 
ATOM   409 C  "C5'" . DC  B 1 9  ? -0.604  7.737   -5.648  1.00 31.58 ? 21  DC  B "C5'" 1 
ATOM   410 C  "C4'" . DC  B 1 9  ? -0.538  6.773   -6.812  1.00 23.86 ? 21  DC  B "C4'" 1 
ATOM   411 O  "O4'" . DC  B 1 9  ? -1.171  5.545   -6.440  1.00 21.47 ? 21  DC  B "O4'" 1 
ATOM   412 C  "C3'" . DC  B 1 9  ? -1.253  7.260   -8.068  1.00 21.03 ? 21  DC  B "C3'" 1 
ATOM   413 O  "O3'" . DC  B 1 9  ? -0.263  7.489   -9.072  1.00 29.21 ? 21  DC  B "O3'" 1 
ATOM   414 C  "C2'" . DC  B 1 9  ? -2.239  6.175   -8.405  1.00 23.94 ? 21  DC  B "C2'" 1 
ATOM   415 C  "C1'" . DC  B 1 9  ? -1.792  4.970   -7.597  1.00 25.55 ? 21  DC  B "C1'" 1 
ATOM   416 N  N1    . DC  B 1 9  ? -2.778  4.048   -7.011  1.00 27.58 ? 21  DC  B N1    1 
ATOM   417 C  C2    . DC  B 1 9  ? -2.617  2.670   -7.244  1.00 23.50 ? 21  DC  B C2    1 
ATOM   418 O  O2    . DC  B 1 9  ? -1.658  2.292   -7.935  1.00 25.09 ? 21  DC  B O2    1 
ATOM   419 N  N3    . DC  B 1 9  ? -3.503  1.793   -6.721  1.00 20.44 ? 21  DC  B N3    1 
ATOM   420 C  C4    . DC  B 1 9  ? -4.526  2.220   -5.981  1.00 23.22 ? 21  DC  B C4    1 
ATOM   421 N  N4    . DC  B 1 9  ? -5.379  1.322   -5.481  1.00 22.06 ? 21  DC  B N4    1 
ATOM   422 C  C5    . DC  B 1 9  ? -4.715  3.621   -5.722  1.00 20.66 ? 21  DC  B C5    1 
ATOM   423 C  C6    . DC  B 1 9  ? -3.832  4.478   -6.248  1.00 23.29 ? 21  DC  B C6    1 
ATOM   424 P  P     . DG  B 1 10 ? -0.627  8.279   -10.428 1.00 30.35 ? 22  DG  B P     1 
ATOM   425 O  OP1   . DG  B 1 10 ? 0.657   8.823   -10.963 1.00 32.05 ? 22  DG  B OP1   1 
ATOM   426 O  OP2   . DG  B 1 10 ? -1.773  9.167   -10.164 1.00 30.53 ? 22  DG  B OP2   1 
ATOM   427 O  "O5'" . DG  B 1 10 ? -1.092  7.116   -11.412 1.00 28.52 ? 22  DG  B "O5'" 1 
ATOM   428 C  "C5'" . DG  B 1 10 ? -0.181  6.072   -11.777 1.00 26.40 ? 22  DG  B "C5'" 1 
ATOM   429 C  "C4'" . DG  B 1 10 ? -0.889  4.980   -12.535 1.00 22.98 ? 22  DG  B "C4'" 1 
ATOM   430 O  "O4'" . DG  B 1 10 ? -1.736  4.188   -11.650 1.00 24.07 ? 22  DG  B "O4'" 1 
ATOM   431 C  "C3'" . DG  B 1 10 ? -1.851  5.442   -13.609 1.00 25.10 ? 22  DG  B "C3'" 1 
ATOM   432 O  "O3'" . DG  B 1 10 ? -1.887  4.522   -14.689 1.00 29.22 ? 22  DG  B "O3'" 1 
ATOM   433 C  "C2'" . DG  B 1 10 ? -3.184  5.507   -12.896 1.00 23.33 ? 22  DG  B "C2'" 1 
ATOM   434 C  "C1'" . DG  B 1 10 ? -3.062  4.157   -12.197 1.00 20.86 ? 22  DG  B "C1'" 1 
ATOM   435 N  N9    . DG  B 1 10 ? -4.038  3.913   -11.136 1.00 20.73 ? 22  DG  B N9    1 
ATOM   436 C  C8    . DG  B 1 10 ? -4.731  4.816   -10.371 1.00 20.29 ? 22  DG  B C8    1 
ATOM   437 N  N7    . DG  B 1 10 ? -5.522  4.236   -9.515  1.00 22.58 ? 22  DG  B N7    1 
ATOM   438 C  C5    . DG  B 1 10 ? -5.351  2.879   -9.719  1.00 20.81 ? 22  DG  B C5    1 
ATOM   439 C  C6    . DG  B 1 10 ? -5.932  1.744   -9.098  1.00 18.34 ? 22  DG  B C6    1 
ATOM   440 O  O6    . DG  B 1 10 ? -6.771  1.724   -8.184  1.00 21.55 ? 22  DG  B O6    1 
ATOM   441 N  N1    . DG  B 1 10 ? -5.449  0.549   -9.640  1.00 15.84 ? 22  DG  B N1    1 
ATOM   442 C  C2    . DG  B 1 10 ? -4.520  0.464   -10.652 1.00 17.27 ? 22  DG  B C2    1 
ATOM   443 N  N2    . DG  B 1 10 ? -4.144  -0.757  -11.077 1.00 19.37 ? 22  DG  B N2    1 
ATOM   444 N  N3    . DG  B 1 10 ? -3.972  1.515   -11.236 1.00 19.49 ? 22  DG  B N3    1 
ATOM   445 C  C4    . DG  B 1 10 ? -4.435  2.668   -10.718 1.00 20.58 ? 22  DG  B C4    1 
ATOM   446 P  P     . DC  B 1 11 ? -1.649  5.041   -16.197 1.00 34.28 ? 23  DC  B P     1 
ATOM   447 O  OP1   . DC  B 1 11 ? -0.270  5.583   -16.246 1.00 38.21 ? 23  DC  B OP1   1 
ATOM   448 O  OP2   . DC  B 1 11 ? -2.801  5.885   -16.575 1.00 31.90 ? 23  DC  B OP2   1 
ATOM   449 O  "O5'" . DC  B 1 11 ? -1.688  3.681   -17.024 1.00 36.06 ? 23  DC  B "O5'" 1 
ATOM   450 C  "C5'" . DC  B 1 11 ? -0.830  2.591   -16.645 1.00 29.06 ? 23  DC  B "C5'" 1 
ATOM   451 C  "C4'" . DC  B 1 11 ? -1.601  1.292   -16.776 1.00 28.14 ? 23  DC  B "C4'" 1 
ATOM   452 O  "O4'" . DC  B 1 11 ? -2.409  1.065   -15.604 1.00 29.60 ? 23  DC  B "O4'" 1 
ATOM   453 C  "C3'" . DC  B 1 11 ? -2.533  1.289   -17.974 1.00 26.34 ? 23  DC  B "C3'" 1 
ATOM   454 O  "O3'" . DC  B 1 11 ? -2.241  0.214   -18.867 1.00 30.73 ? 23  DC  B "O3'" 1 
ATOM   455 C  "C2'" . DC  B 1 11 ? -3.909  1.115   -17.409 1.00 30.35 ? 23  DC  B "C2'" 1 
ATOM   456 C  "C1'" . DC  B 1 11 ? -3.714  0.656   -15.985 1.00 31.61 ? 23  DC  B "C1'" 1 
ATOM   457 N  N1    . DC  B 1 11 ? -4.693  1.261   -15.072 1.00 29.07 ? 23  DC  B N1    1 
ATOM   458 C  C2    . DC  B 1 11 ? -5.490  0.442   -14.274 1.00 22.14 ? 23  DC  B C2    1 
ATOM   459 O  O2    . DC  B 1 11 ? -5.390  -0.789  -14.311 1.00 21.36 ? 23  DC  B O2    1 
ATOM   460 N  N3    . DC  B 1 11 ? -6.383  1.036   -13.445 1.00 24.73 ? 23  DC  B N3    1 
ATOM   461 C  C4    . DC  B 1 11 ? -6.497  2.356   -13.394 1.00 17.89 ? 23  DC  B C4    1 
ATOM   462 N  N4    . DC  B 1 11 ? -7.397  2.884   -12.555 1.00 21.43 ? 23  DC  B N4    1 
ATOM   463 C  C5    . DC  B 1 11 ? -5.697  3.218   -14.201 1.00 20.30 ? 23  DC  B C5    1 
ATOM   464 C  C6    . DC  B 1 11 ? -4.817  2.626   -15.018 1.00 25.98 ? 23  DC  B C6    1 
ATOM   465 P  P     . DG  B 1 12 ? -3.045  0.191   -20.267 1.00 39.58 ? 24  DG  B P     1 
ATOM   466 O  OP1   . DG  B 1 12 ? -2.127  -0.345  -21.300 1.00 56.91 ? 24  DG  B OP1   1 
ATOM   467 O  OP2   . DG  B 1 12 ? -3.694  1.516   -20.426 1.00 35.11 ? 24  DG  B OP2   1 
ATOM   468 O  "O5'" . DG  B 1 12 ? -4.200  -0.887  -20.030 1.00 29.76 ? 24  DG  B "O5'" 1 
ATOM   469 C  "C5'" . DG  B 1 12 ? -3.951  -2.256  -19.684 1.00 22.03 ? 24  DG  B "C5'" 1 
ATOM   470 C  "C4'" . DG  B 1 12 ? -5.231  -2.838  -19.134 1.00 27.66 ? 24  DG  B "C4'" 1 
ATOM   471 O  "O4'" . DG  B 1 12 ? -5.598  -2.198  -17.897 1.00 26.65 ? 24  DG  B "O4'" 1 
ATOM   472 C  "C3'" . DG  B 1 12 ? -6.456  -2.633  -20.010 1.00 26.07 ? 24  DG  B "C3'" 1 
ATOM   473 O  "O3'" . DG  B 1 12 ? -6.515  -3.634  -21.022 1.00 33.28 ? 24  DG  B "O3'" 1 
ATOM   474 C  "C2'" . DG  B 1 12 ? -7.607  -2.724  -19.048 1.00 33.31 ? 24  DG  B "C2'" 1 
ATOM   475 C  "C1'" . DG  B 1 12 ? -7.010  -2.269  -17.732 1.00 29.30 ? 24  DG  B "C1'" 1 
ATOM   476 N  N9    . DG  B 1 12 ? -7.450  -0.931  -17.306 1.00 26.45 ? 24  DG  B N9    1 
ATOM   477 C  C8    . DG  B 1 12 ? -7.078  0.301   -17.765 1.00 22.47 ? 24  DG  B C8    1 
ATOM   478 N  N7    . DG  B 1 12 ? -7.675  1.288   -17.150 1.00 24.23 ? 24  DG  B N7    1 
ATOM   479 C  C5    . DG  B 1 12 ? -8.496  0.659   -16.223 1.00 21.43 ? 24  DG  B C5    1 
ATOM   480 C  C6    . DG  B 1 12 ? -9.394  1.192   -15.260 1.00 21.73 ? 24  DG  B C6    1 
ATOM   481 O  O6    . DG  B 1 12 ? -9.646  2.372   -15.031 1.00 26.38 ? 24  DG  B O6    1 
ATOM   482 N  N1    . DG  B 1 12 ? -10.019 0.185   -14.532 1.00 20.84 ? 24  DG  B N1    1 
ATOM   483 C  C2    . DG  B 1 12 ? -9.806  -1.158  -14.709 1.00 21.13 ? 24  DG  B C2    1 
ATOM   484 N  N2    . DG  B 1 12 ? -10.492 -1.982  -13.922 1.00 21.31 ? 24  DG  B N2    1 
ATOM   485 N  N3    . DG  B 1 12 ? -8.973  -1.692  -15.602 1.00 23.20 ? 24  DG  B N3    1 
ATOM   486 C  C4    . DG  B 1 12 ? -8.371  -0.708  -16.304 1.00 20.00 ? 24  DG  B C4    1 
HETATM 487 MG MG    . MG  C 2 .  ? -10.344 3.564   -7.242  1.00 22.60 ? 26  MG  A MG    1 
HETATM 488 C  C1    . MBC D 3 .  ? 0.360   7.927   2.132   1.00 54.33 ? 25  MBC A C1    1 
HETATM 489 C  C2    . MBC D 3 .  ? 0.791   8.226   0.809   1.00 44.60 ? 25  MBC A C2    1 
HETATM 490 C  C3    . MBC D 3 .  ? 0.952   7.008   0.200   1.00 43.08 ? 25  MBC A C3    1 
HETATM 491 O  O4    . MBC D 3 .  ? 0.637   6.020   1.049   1.00 54.68 ? 25  MBC A O4    1 
HETATM 492 C  C5    . MBC D 3 .  ? 0.275   6.567   2.229   1.00 55.11 ? 25  MBC A C5    1 
HETATM 493 C  C6    . MBC D 3 .  ? -0.113  5.796   3.390   1.00 55.80 ? 25  MBC A C6    1 
HETATM 494 C  C7    . MBC D 3 .  ? 1.371   6.804   -1.176  1.00 27.82 ? 25  MBC A C7    1 
HETATM 495 C  C8    . MBC D 3 .  ? -0.533  6.419   4.551   1.00 59.07 ? 25  MBC A C8    1 
HETATM 496 C  C9    . MBC D 3 .  ? -0.892  5.631   5.651   1.00 58.52 ? 25  MBC A C9    1 
HETATM 497 C  C10   . MBC D 3 .  ? -0.823  4.251   5.583   1.00 56.13 ? 25  MBC A C10   1 
HETATM 498 C  C11   . MBC D 3 .  ? -0.397  3.625   4.423   1.00 54.12 ? 25  MBC A C11   1 
HETATM 499 C  C12   . MBC D 3 .  ? -0.038  4.405   3.327   1.00 56.34 ? 25  MBC A C12   1 
HETATM 500 N  N13   . MBC D 3 .  ? 1.894   7.671   -1.993  1.00 37.09 ? 25  MBC A N13   1 
HETATM 501 C  C14   . MBC D 3 .  ? 2.122   7.029   -3.178  1.00 36.06 ? 25  MBC A C14   1 
HETATM 502 C  C15   . MBC D 3 .  ? 1.705   5.707   -3.048  1.00 31.14 ? 25  MBC A C15   1 
HETATM 503 N  N16   . MBC D 3 .  ? 1.232   5.581   -1.774  1.00 28.72 ? 25  MBC A N16   1 
HETATM 504 C  C17   . MBC D 3 .  ? 1.804   4.795   -4.089  1.00 30.21 ? 25  MBC A C17   1 
HETATM 505 C  C18   . MBC D 3 .  ? 2.344   5.226   -5.299  1.00 32.60 ? 25  MBC A C18   1 
HETATM 506 C  C19   . MBC D 3 .  ? 2.765   6.541   -5.442  1.00 37.13 ? 25  MBC A C19   1 
HETATM 507 C  C20   . MBC D 3 .  ? 2.657   7.445   -4.389  1.00 38.61 ? 25  MBC A C20   1 
HETATM 508 C  C21   . MBC D 3 .  ? 2.457   4.289   -6.393  1.00 36.64 ? 25  MBC A C21   1 
HETATM 509 C  C22   . MBC D 3 .  ? -1.198  3.452   6.730   1.00 59.96 ? 25  MBC A C22   1 
HETATM 510 N  N23   . MBC D 3 .  ? -2.194  3.843   7.548   1.00 57.87 ? 25  MBC A N23   1 
HETATM 511 N  N24   . MBC D 3 .  ? -0.524  2.313   6.963   1.00 58.34 ? 25  MBC A N24   1 
HETATM 512 N  N25   . MBC D 3 .  ? 3.381   4.452   -7.352  1.00 38.32 ? 25  MBC A N25   1 
HETATM 513 N  N26   . MBC D 3 .  ? 1.599   3.242   -6.457  1.00 58.17 ? 25  MBC A N26   1 
HETATM 514 O  O     . HOH E 4 .  ? -9.829  5.509   -10.986 1.00 27.20 ? 28  HOH A O     1 
HETATM 515 O  O     . HOH E 4 .  ? 8.409   1.348   -1.912  1.00 25.70 ? 29  HOH A O     1 
HETATM 516 O  O     . HOH E 4 .  ? 9.905   3.952   -7.601  1.00 30.46 ? 31  HOH A O     1 
HETATM 517 O  O     . HOH E 4 .  ? 9.070   -2.643  -11.748 1.00 31.28 ? 33  HOH A O     1 
HETATM 518 O  O     . HOH E 4 .  ? 6.872   -2.873  -4.918  1.00 29.97 ? 34  HOH A O     1 
HETATM 519 O  O     . HOH E 4 .  ? -9.145  -1.096  -4.302  1.00 39.72 ? 35  HOH A O     1 
HETATM 520 O  O     . HOH E 4 .  ? -12.744 6.494   -9.609  1.00 28.18 ? 38  HOH A O     1 
HETATM 521 O  O     . HOH E 4 .  ? -13.934 3.934   -13.661 1.00 36.61 ? 39  HOH A O     1 
HETATM 522 O  O     . HOH E 4 .  ? 8.841   2.460   5.704   1.00 31.47 ? 41  HOH A O     1 
HETATM 523 O  O     . HOH E 4 .  ? -13.002 -2.080  -5.989  1.00 33.41 ? 42  HOH A O     1 
HETATM 524 O  O     . HOH E 4 .  ? -0.074  -2.779  -10.702 1.00 37.32 ? 45  HOH A O     1 
HETATM 525 O  O     . HOH E 4 .  ? 9.825   2.718   0.643   1.00 36.08 ? 46  HOH A O     1 
HETATM 526 O  O     . HOH E 4 .  ? 9.052   4.574   1.830   1.00 33.47 ? 47  HOH A O     1 
HETATM 527 O  O     . HOH E 4 .  ? -0.631  0.609   8.778   1.00 33.11 ? 48  HOH A O     1 
HETATM 528 O  O     . HOH E 4 .  ? -6.265  -2.133  -3.662  1.00 39.31 ? 52  HOH A O     1 
HETATM 529 O  O     . HOH E 4 .  ? -11.154 -3.125  -4.074  1.00 33.83 ? 53  HOH A O     1 
HETATM 530 O  O     . HOH E 4 .  ? 2.426   -0.640  -10.510 1.00 40.40 ? 54  HOH A O     1 
HETATM 531 O  O     . HOH E 4 .  ? 1.648   1.160   -8.227  1.00 32.85 ? 55  HOH A O     1 
HETATM 532 O  O     . HOH E 4 .  ? 8.260   4.584   4.437   1.00 45.39 ? 56  HOH A O     1 
HETATM 533 O  O     . HOH E 4 .  ? -13.862 -9.417  -7.933  1.00 33.85 ? 57  HOH A O     1 
HETATM 534 O  O     . HOH E 4 .  ? 10.056  3.309   9.909   1.00 46.54 ? 58  HOH A O     1 
HETATM 535 O  O     . HOH E 4 .  ? -10.466 -11.694 -7.486  1.00 34.02 ? 61  HOH A O     1 
HETATM 536 O  O     . HOH E 4 .  ? 7.983   3.887   16.640  1.00 56.74 ? 62  HOH A O     1 
HETATM 537 O  O     . HOH E 4 .  ? -14.027 5.687   -11.337 1.00 36.51 ? 64  HOH A O     1 
HETATM 538 O  O     . HOH E 4 .  ? 6.409   3.507   -9.314  1.00 45.73 ? 65  HOH A O     1 
HETATM 539 O  O     . HOH E 4 .  ? -9.496  -5.482  -4.970  1.00 42.49 ? 66  HOH A O     1 
HETATM 540 O  O     . HOH E 4 .  ? 6.255   5.765   -6.940  1.00 44.58 ? 68  HOH A O     1 
HETATM 541 O  O     . HOH E 4 .  ? -18.790 -4.646  -9.538  1.00 42.98 ? 70  HOH A O     1 
HETATM 542 O  O     . HOH E 4 .  ? -6.865  -8.788  -4.900  1.00 35.27 ? 71  HOH A O     1 
HETATM 543 O  O     . HOH E 4 .  ? -0.695  -5.716  -3.228  1.00 39.10 ? 73  HOH A O     1 
HETATM 544 O  O     . HOH E 4 .  ? -13.368 -6.259  -5.144  1.00 48.13 ? 75  HOH A O     1 
HETATM 545 O  O     . HOH E 4 .  ? 5.703   -1.120  -11.450 1.00 43.82 ? 76  HOH A O     1 
HETATM 546 O  O     . HOH E 4 .  ? -3.243  -5.164  -2.473  1.00 37.57 ? 78  HOH A O     1 
HETATM 547 O  O     . HOH E 4 .  ? 5.901   4.488   15.892  1.00 50.04 ? 79  HOH A O     1 
HETATM 548 O  O     . HOH E 4 .  ? 7.947   7.163   -5.194  1.00 47.71 ? 80  HOH A O     1 
HETATM 549 O  O     . HOH E 4 .  ? 6.116   -4.980  -3.377  1.00 47.91 ? 81  HOH A O     1 
HETATM 550 O  O     . HOH E 4 .  ? 9.310   -2.201  0.988   1.00 55.74 ? 82  HOH A O     1 
HETATM 551 O  O     . HOH E 4 .  ? 9.927   0.033   4.787   1.00 38.54 ? 85  HOH A O     1 
HETATM 552 O  O     . HOH E 4 .  ? -2.663  3.478   15.093  1.00 57.54 ? 86  HOH A O     1 
HETATM 553 O  O     . HOH E 4 .  ? 10.185  0.819   2.422   1.00 40.21 ? 87  HOH A O     1 
HETATM 554 O  O     . HOH E 4 .  ? 3.611   1.101   19.599  1.00 35.36 ? 90  HOH A O     1 
HETATM 555 O  O     . HOH E 4 .  ? 2.027   -2.770  20.715  1.00 53.70 ? 92  HOH A O     1 
HETATM 556 O  O     . HOH E 4 .  ? 6.298   -7.235  -6.498  1.00 49.09 ? 93  HOH A O     1 
HETATM 557 O  O     . HOH E 4 .  ? -0.006  -9.932  -12.382 1.00 46.53 ? 94  HOH A O     1 
HETATM 558 O  O     . HOH E 4 .  ? 3.646   1.125   24.552  1.00 41.59 ? 95  HOH A O     1 
HETATM 559 O  O     . HOH E 4 .  ? 6.063   8.497   -9.419  1.00 51.02 ? 98  HOH A O     1 
HETATM 560 O  O     . HOH E 4 .  ? 0.462   -1.640  -13.381 1.00 50.01 ? 99  HOH A O     1 
HETATM 561 O  O     . HOH E 4 .  ? -10.999 1.553   -7.315  1.00 25.48 ? 100 HOH A O     1 
HETATM 562 O  O     . HOH E 4 .  ? -12.264 4.198   -7.909  1.00 20.54 ? 101 HOH A O     1 
HETATM 563 O  O     . HOH E 4 .  ? -9.648  3.391   -9.235  1.00 19.66 ? 102 HOH A O     1 
HETATM 564 O  O     . HOH F 4 .  ? -7.687  2.468   -4.134  1.00 21.42 ? 27  HOH B O     1 
HETATM 565 O  O     . HOH F 4 .  ? -7.481  6.251   -12.893 1.00 29.34 ? 30  HOH B O     1 
HETATM 566 O  O     . HOH F 4 .  ? -11.935 1.901   -3.512  1.00 29.21 ? 32  HOH B O     1 
HETATM 567 O  O     . HOH F 4 .  ? 13.221  -10.087 10.762  1.00 31.82 ? 36  HOH B O     1 
HETATM 568 O  O     . HOH F 4 .  ? -7.019  5.940   -7.885  1.00 24.86 ? 37  HOH B O     1 
HETATM 569 O  O     . HOH F 4 .  ? -9.557  1.005   -2.471  1.00 41.61 ? 40  HOH B O     1 
HETATM 570 O  O     . HOH F 4 .  ? -3.917  8.338   -10.528 1.00 41.35 ? 43  HOH B O     1 
HETATM 571 O  O     . HOH F 4 .  ? 11.482  1.426   10.168  1.00 35.70 ? 44  HOH B O     1 
HETATM 572 O  O     . HOH F 4 .  ? -6.057  7.034   -5.565  1.00 39.53 ? 49  HOH B O     1 
HETATM 573 O  O     . HOH F 4 .  ? 1.050   -1.021  12.215  1.00 44.56 ? 50  HOH B O     1 
HETATM 574 O  O     . HOH F 4 .  ? -1.448  1.100   -12.846 1.00 32.10 ? 51  HOH B O     1 
HETATM 575 O  O     . HOH F 4 .  ? 0.555   2.471   -10.290 1.00 43.08 ? 59  HOH B O     1 
HETATM 576 O  O     . HOH F 4 .  ? -0.071  11.417  -5.927  1.00 37.12 ? 60  HOH B O     1 
HETATM 577 O  O     . HOH F 4 .  ? -7.020  0.987   2.162   1.00 36.58 ? 63  HOH B O     1 
HETATM 578 O  O     . HOH F 4 .  ? -5.101  -4.018  4.950   1.00 35.91 ? 67  HOH B O     1 
HETATM 579 O  O     . HOH F 4 .  ? -5.265  8.354   -12.819 1.00 44.63 ? 69  HOH B O     1 
HETATM 580 O  O     . HOH F 4 .  ? -6.808  3.476   -18.257 1.00 44.39 ? 72  HOH B O     1 
HETATM 581 O  O     . HOH F 4 .  ? -6.934  5.318   -0.480  1.00 45.09 ? 74  HOH B O     1 
HETATM 582 O  O     . HOH F 4 .  ? -7.371  8.854   -2.596  1.00 36.43 ? 77  HOH B O     1 
HETATM 583 O  O     . HOH F 4 .  ? 4.100   -5.306  2.451   1.00 47.97 ? 83  HOH B O     1 
HETATM 584 O  O     . HOH F 4 .  ? -1.862  -5.138  2.753   1.00 39.19 ? 84  HOH B O     1 
HETATM 585 O  O     . HOH F 4 .  ? 2.083   -6.055  3.262   1.00 41.38 ? 88  HOH B O     1 
HETATM 586 O  O     . HOH F 4 .  ? -2.091  4.533   -20.141 1.00 41.61 ? 89  HOH B O     1 
HETATM 587 O  O     . HOH F 4 .  ? 0.660   -5.252  1.642   1.00 44.48 ? 91  HOH B O     1 
HETATM 588 O  O     . HOH F 4 .  ? -8.494  3.814   1.210   1.00 54.81 ? 96  HOH B O     1 
HETATM 589 O  O     . HOH F 4 .  ? -5.118  3.327   -20.657 1.00 54.90 ? 97  HOH B O     1 
HETATM 590 O  O     . HOH F 4 .  ? 0.582   1.569   -20.667 1.00 38.41 ? 100 HOH B O     1 
HETATM 591 O  O     . HOH F 4 .  ? -1.190  7.639   -20.140 1.00 48.20 ? 101 HOH B O     1 
HETATM 592 O  O     . HOH F 4 .  ? -8.421  2.963   -6.555  1.00 22.54 ? 102 HOH B O     1 
HETATM 593 O  O     . HOH F 4 .  ? -9.690  5.592   -7.234  1.00 26.11 ? 103 HOH B O     1 
HETATM 594 O  O     . HOH F 4 .  ? -10.962 3.732   -5.228  1.00 21.71 ? 104 HOH B O     1 
# 
loop_
_pdbx_poly_seq_scheme.asym_id 
_pdbx_poly_seq_scheme.entity_id 
_pdbx_poly_seq_scheme.seq_id 
_pdbx_poly_seq_scheme.mon_id 
_pdbx_poly_seq_scheme.ndb_seq_num 
_pdbx_poly_seq_scheme.pdb_seq_num 
_pdbx_poly_seq_scheme.auth_seq_num 
_pdbx_poly_seq_scheme.pdb_mon_id 
_pdbx_poly_seq_scheme.auth_mon_id 
_pdbx_poly_seq_scheme.pdb_strand_id 
_pdbx_poly_seq_scheme.pdb_ins_code 
_pdbx_poly_seq_scheme.hetero 
A 1 1  DC 1  1  1  DC C A . n 
A 1 2  DG 2  2  2  DG G A . n 
A 1 3  DC 3  3  3  DC C A . n 
A 1 4  DG 4  4  4  DG G A . n 
A 1 5  DA 5  5  5  DA A A . n 
A 1 6  DA 6  6  6  DA A A . n 
A 1 7  DT 7  7  7  DT T A . n 
A 1 8  DT 8  8  8  DT T A . n 
A 1 9  DC 9  9  9  DC C A . n 
A 1 10 DG 10 10 10 DG G A . n 
A 1 11 DC 11 11 11 DC C A . n 
A 1 12 DG 12 12 12 DG G A . n 
B 1 1  DC 1  13 13 DC C B . n 
B 1 2  DG 2  14 14 DG G B . n 
B 1 3  DC 3  15 15 DC C B . n 
B 1 4  DG 4  16 16 DG G B . n 
B 1 5  DA 5  17 17 DA A B . n 
B 1 6  DA 6  18 18 DA A B . n 
B 1 7  DT 7  19 19 DT T B . n 
B 1 8  DT 8  20 20 DT T B . n 
B 1 9  DC 9  21 21 DC C B . n 
B 1 10 DG 10 22 22 DG G B . n 
B 1 11 DC 11 23 23 DC C B . n 
B 1 12 DG 12 24 24 DG G B . n 
# 
loop_
_pdbx_nonpoly_scheme.asym_id 
_pdbx_nonpoly_scheme.entity_id 
_pdbx_nonpoly_scheme.mon_id 
_pdbx_nonpoly_scheme.ndb_seq_num 
_pdbx_nonpoly_scheme.pdb_seq_num 
_pdbx_nonpoly_scheme.auth_seq_num 
_pdbx_nonpoly_scheme.pdb_mon_id 
_pdbx_nonpoly_scheme.auth_mon_id 
_pdbx_nonpoly_scheme.pdb_strand_id 
_pdbx_nonpoly_scheme.pdb_ins_code 
C 2 MG  1  26  26  MG  MO6 A . 
D 3 MBC 1  25  25  MBC MBC A . 
E 4 HOH 1  28  28  HOH HOH A . 
E 4 HOH 2  29  29  HOH HOH A . 
E 4 HOH 3  31  31  HOH HOH A . 
E 4 HOH 4  33  33  HOH HOH A . 
E 4 HOH 5  34  34  HOH HOH A . 
E 4 HOH 6  35  35  HOH HOH A . 
E 4 HOH 7  38  38  HOH HOH A . 
E 4 HOH 8  39  39  HOH HOH A . 
E 4 HOH 9  41  41  HOH HOH A . 
E 4 HOH 10 42  42  HOH HOH A . 
E 4 HOH 11 45  45  HOH HOH A . 
E 4 HOH 12 46  46  HOH HOH A . 
E 4 HOH 13 47  47  HOH HOH A . 
E 4 HOH 14 48  48  HOH HOH A . 
E 4 HOH 15 52  52  HOH HOH A . 
E 4 HOH 16 53  53  HOH HOH A . 
E 4 HOH 17 54  54  HOH HOH A . 
E 4 HOH 18 55  55  HOH HOH A . 
E 4 HOH 19 56  56  HOH HOH A . 
E 4 HOH 20 57  57  HOH HOH A . 
E 4 HOH 21 58  58  HOH HOH A . 
E 4 HOH 22 61  61  HOH HOH A . 
E 4 HOH 23 62  62  HOH HOH A . 
E 4 HOH 24 64  64  HOH HOH A . 
E 4 HOH 25 65  65  HOH HOH A . 
E 4 HOH 26 66  66  HOH HOH A . 
E 4 HOH 27 68  68  HOH HOH A . 
E 4 HOH 28 70  70  HOH HOH A . 
E 4 HOH 29 71  71  HOH HOH A . 
E 4 HOH 30 73  73  HOH HOH A . 
E 4 HOH 31 75  75  HOH HOH A . 
E 4 HOH 32 76  76  HOH HOH A . 
E 4 HOH 33 78  78  HOH HOH A . 
E 4 HOH 34 79  79  HOH HOH A . 
E 4 HOH 35 80  80  HOH HOH A . 
E 4 HOH 36 81  81  HOH HOH A . 
E 4 HOH 37 82  82  HOH HOH A . 
E 4 HOH 38 85  85  HOH HOH A . 
E 4 HOH 39 86  86  HOH HOH A . 
E 4 HOH 40 87  87  HOH HOH A . 
E 4 HOH 41 90  90  HOH HOH A . 
E 4 HOH 42 92  92  HOH HOH A . 
E 4 HOH 43 93  93  HOH HOH A . 
E 4 HOH 44 94  94  HOH HOH A . 
E 4 HOH 45 95  95  HOH HOH A . 
E 4 HOH 46 98  98  HOH HOH A . 
E 4 HOH 47 99  99  HOH HOH A . 
E 4 HOH 48 100 26  HOH MO6 A . 
E 4 HOH 49 101 26  HOH MO6 A . 
E 4 HOH 50 102 26  HOH MO6 A . 
F 4 HOH 1  27  27  HOH HOH B . 
F 4 HOH 2  30  30  HOH HOH B . 
F 4 HOH 3  32  32  HOH HOH B . 
F 4 HOH 4  36  36  HOH HOH B . 
F 4 HOH 5  37  37  HOH HOH B . 
F 4 HOH 6  40  40  HOH HOH B . 
F 4 HOH 7  43  43  HOH HOH B . 
F 4 HOH 8  44  44  HOH HOH B . 
F 4 HOH 9  49  49  HOH HOH B . 
F 4 HOH 10 50  50  HOH HOH B . 
F 4 HOH 11 51  51  HOH HOH B . 
F 4 HOH 12 59  59  HOH HOH B . 
F 4 HOH 13 60  60  HOH HOH B . 
F 4 HOH 14 63  63  HOH HOH B . 
F 4 HOH 15 67  67  HOH HOH B . 
F 4 HOH 16 69  69  HOH HOH B . 
F 4 HOH 17 72  72  HOH HOH B . 
F 4 HOH 18 74  74  HOH HOH B . 
F 4 HOH 19 77  77  HOH HOH B . 
F 4 HOH 20 83  83  HOH HOH B . 
F 4 HOH 21 84  84  HOH HOH B . 
F 4 HOH 22 88  88  HOH HOH B . 
F 4 HOH 23 89  89  HOH HOH B . 
F 4 HOH 24 91  91  HOH HOH B . 
F 4 HOH 25 96  96  HOH HOH B . 
F 4 HOH 26 97  97  HOH HOH B . 
F 4 HOH 27 100 100 HOH HOH B . 
F 4 HOH 28 101 101 HOH HOH B . 
F 4 HOH 29 102 26  HOH MO6 B . 
F 4 HOH 30 103 26  HOH MO6 B . 
F 4 HOH 31 104 26  HOH MO6 B . 
# 
_struct_site_keywords.site_id   1 
_struct_site_keywords.text      'minor groove binder' 
# 
_pdbx_struct_assembly.id                   1 
_pdbx_struct_assembly.details              author_defined_assembly 
_pdbx_struct_assembly.method_details       ? 
_pdbx_struct_assembly.oligomeric_details   dimeric 
_pdbx_struct_assembly.oligomeric_count     2 
# 
_pdbx_struct_assembly_gen.assembly_id       1 
_pdbx_struct_assembly_gen.oper_expression   1 
_pdbx_struct_assembly_gen.asym_id_list      A,B,C,D,E,F 
# 
_pdbx_struct_oper_list.id                   1 
_pdbx_struct_oper_list.type                 'identity operation' 
_pdbx_struct_oper_list.name                 1_555 
_pdbx_struct_oper_list.symmetry_operation   x,y,z 
_pdbx_struct_oper_list.matrix[1][1]         1.0000000000 
_pdbx_struct_oper_list.matrix[1][2]         0.0000000000 
_pdbx_struct_oper_list.matrix[1][3]         0.0000000000 
_pdbx_struct_oper_list.vector[1]            0.0000000000 
_pdbx_struct_oper_list.matrix[2][1]         0.0000000000 
_pdbx_struct_oper_list.matrix[2][2]         1.0000000000 
_pdbx_struct_oper_list.matrix[2][3]         0.0000000000 
_pdbx_struct_oper_list.vector[2]            0.0000000000 
_pdbx_struct_oper_list.matrix[3][1]         0.0000000000 
_pdbx_struct_oper_list.matrix[3][2]         0.0000000000 
_pdbx_struct_oper_list.matrix[3][3]         1.0000000000 
_pdbx_struct_oper_list.vector[3]            0.0000000000 
# 
loop_
_pdbx_struct_conn_angle.id 
_pdbx_struct_conn_angle.ptnr1_label_atom_id 
_pdbx_struct_conn_angle.ptnr1_label_alt_id 
_pdbx_struct_conn_angle.ptnr1_label_asym_id 
_pdbx_struct_conn_angle.ptnr1_label_comp_id 
_pdbx_struct_conn_angle.ptnr1_label_seq_id 
_pdbx_struct_conn_angle.ptnr1_auth_atom_id 
_pdbx_struct_conn_angle.ptnr1_auth_asym_id 
_pdbx_struct_conn_angle.ptnr1_auth_comp_id 
_pdbx_struct_conn_angle.ptnr1_auth_seq_id 
_pdbx_struct_conn_angle.ptnr1_PDB_ins_code 
_pdbx_struct_conn_angle.ptnr1_symmetry 
_pdbx_struct_conn_angle.ptnr2_label_atom_id 
_pdbx_struct_conn_angle.ptnr2_label_alt_id 
_pdbx_struct_conn_angle.ptnr2_label_asym_id 
_pdbx_struct_conn_angle.ptnr2_label_comp_id 
_pdbx_struct_conn_angle.ptnr2_label_seq_id 
_pdbx_struct_conn_angle.ptnr2_auth_atom_id 
_pdbx_struct_conn_angle.ptnr2_auth_asym_id 
_pdbx_struct_conn_angle.ptnr2_auth_comp_id 
_pdbx_struct_conn_angle.ptnr2_auth_seq_id 
_pdbx_struct_conn_angle.ptnr2_PDB_ins_code 
_pdbx_struct_conn_angle.ptnr2_symmetry 
_pdbx_struct_conn_angle.ptnr3_label_atom_id 
_pdbx_struct_conn_angle.ptnr3_label_alt_id 
_pdbx_struct_conn_angle.ptnr3_label_asym_id 
_pdbx_struct_conn_angle.ptnr3_label_comp_id 
_pdbx_struct_conn_angle.ptnr3_label_seq_id 
_pdbx_struct_conn_angle.ptnr3_auth_atom_id 
_pdbx_struct_conn_angle.ptnr3_auth_asym_id 
_pdbx_struct_conn_angle.ptnr3_auth_comp_id 
_pdbx_struct_conn_angle.ptnr3_auth_seq_id 
_pdbx_struct_conn_angle.ptnr3_PDB_ins_code 
_pdbx_struct_conn_angle.ptnr3_symmetry 
_pdbx_struct_conn_angle.value 
_pdbx_struct_conn_angle.value_esd 
1  O ? E HOH . ? A HOH 100 ? 1_555 MG ? C MG . ? A MG 26 ? 1_555 O ? E HOH . ? A HOH 101 ? 1_555 89.6  ? 
2  O ? E HOH . ? A HOH 100 ? 1_555 MG ? C MG . ? A MG 26 ? 1_555 O ? E HOH . ? A HOH 102 ? 1_555 89.5  ? 
3  O ? E HOH . ? A HOH 101 ? 1_555 MG ? C MG . ? A MG 26 ? 1_555 O ? E HOH . ? A HOH 102 ? 1_555 91.5  ? 
4  O ? E HOH . ? A HOH 100 ? 1_555 MG ? C MG . ? A MG 26 ? 1_555 O ? F HOH . ? B HOH 102 ? 1_555 91.3  ? 
5  O ? E HOH . ? A HOH 101 ? 1_555 MG ? C MG . ? A MG 26 ? 1_555 O ? F HOH . ? B HOH 102 ? 1_555 179.0 ? 
6  O ? E HOH . ? A HOH 102 ? 1_555 MG ? C MG . ? A MG 26 ? 1_555 O ? F HOH . ? B HOH 102 ? 1_555 89.1  ? 
7  O ? E HOH . ? A HOH 100 ? 1_555 MG ? C MG . ? A MG 26 ? 1_555 O ? F HOH . ? B HOH 103 ? 1_555 178.2 ? 
8  O ? E HOH . ? A HOH 101 ? 1_555 MG ? C MG . ? A MG 26 ? 1_555 O ? F HOH . ? B HOH 103 ? 1_555 89.7  ? 
9  O ? E HOH . ? A HOH 102 ? 1_555 MG ? C MG . ? A MG 26 ? 1_555 O ? F HOH . ? B HOH 103 ? 1_555 88.9  ? 
10 O ? F HOH . ? B HOH 102 ? 1_555 MG ? C MG . ? A MG 26 ? 1_555 O ? F HOH . ? B HOH 103 ? 1_555 89.5  ? 
11 O ? E HOH . ? A HOH 100 ? 1_555 MG ? C MG . ? A MG 26 ? 1_555 O ? F HOH . ? B HOH 104 ? 1_555 91.0  ? 
12 O ? E HOH . ? A HOH 101 ? 1_555 MG ? C MG . ? A MG 26 ? 1_555 O ? F HOH . ? B HOH 104 ? 1_555 90.6  ? 
13 O ? E HOH . ? A HOH 102 ? 1_555 MG ? C MG . ? A MG 26 ? 1_555 O ? F HOH . ? B HOH 104 ? 1_555 177.8 ? 
14 O ? F HOH . ? B HOH 102 ? 1_555 MG ? C MG . ? A MG 26 ? 1_555 O ? F HOH . ? B HOH 104 ? 1_555 88.8  ? 
15 O ? F HOH . ? B HOH 103 ? 1_555 MG ? C MG . ? A MG 26 ? 1_555 O ? F HOH . ? B HOH 104 ? 1_555 90.6  ? 
# 
loop_
_pdbx_audit_revision_history.ordinal 
_pdbx_audit_revision_history.data_content_type 
_pdbx_audit_revision_history.major_revision 
_pdbx_audit_revision_history.minor_revision 
_pdbx_audit_revision_history.revision_date 
1 'Structure model' 1 0 2007-07-31 
2 'Structure model' 1 1 2011-07-13 
3 'Structure model' 1 2 2019-07-24 
4 'Structure model' 1 3 2023-08-30 
# 
_pdbx_audit_revision_details.ordinal             1 
_pdbx_audit_revision_details.revision_ordinal    1 
_pdbx_audit_revision_details.data_content_type   'Structure model' 
_pdbx_audit_revision_details.provider            repository 
_pdbx_audit_revision_details.type                'Initial release' 
_pdbx_audit_revision_details.description         ? 
_pdbx_audit_revision_details.details             ? 
# 
loop_
_pdbx_audit_revision_group.ordinal 
_pdbx_audit_revision_group.revision_ordinal 
_pdbx_audit_revision_group.data_content_type 
_pdbx_audit_revision_group.group 
1 2 'Structure model' 'Version format compliance' 
2 3 'Structure model' 'Data collection'           
3 3 'Structure model' 'Refinement description'    
4 4 'Structure model' 'Data collection'           
5 4 'Structure model' 'Database references'       
6 4 'Structure model' 'Derived calculations'      
7 4 'Structure model' 'Refinement description'    
# 
loop_
_pdbx_audit_revision_category.ordinal 
_pdbx_audit_revision_category.revision_ordinal 
_pdbx_audit_revision_category.data_content_type 
_pdbx_audit_revision_category.category 
1 3 'Structure model' software                      
2 4 'Structure model' chem_comp_atom                
3 4 'Structure model' chem_comp_bond                
4 4 'Structure model' database_2                    
5 4 'Structure model' pdbx_initial_refinement_model 
6 4 'Structure model' pdbx_struct_conn_angle        
7 4 'Structure model' struct_conn                   
8 4 'Structure model' struct_site                   
# 
loop_
_pdbx_audit_revision_item.ordinal 
_pdbx_audit_revision_item.revision_ordinal 
_pdbx_audit_revision_item.data_content_type 
_pdbx_audit_revision_item.item 
1  3 'Structure model' '_software.classification'                    
2  3 'Structure model' '_software.name'                              
3  4 'Structure model' '_database_2.pdbx_DOI'                        
4  4 'Structure model' '_database_2.pdbx_database_accession'         
5  4 'Structure model' '_pdbx_struct_conn_angle.ptnr1_auth_asym_id'  
6  4 'Structure model' '_pdbx_struct_conn_angle.ptnr1_auth_seq_id'   
7  4 'Structure model' '_pdbx_struct_conn_angle.ptnr1_label_asym_id' 
8  4 'Structure model' '_pdbx_struct_conn_angle.ptnr3_auth_asym_id'  
9  4 'Structure model' '_pdbx_struct_conn_angle.ptnr3_auth_seq_id'   
10 4 'Structure model' '_pdbx_struct_conn_angle.ptnr3_label_asym_id' 
11 4 'Structure model' '_pdbx_struct_conn_angle.value'               
12 4 'Structure model' '_struct_conn.pdbx_dist_value'                
13 4 'Structure model' '_struct_conn.ptnr2_auth_asym_id'             
14 4 'Structure model' '_struct_conn.ptnr2_auth_seq_id'              
15 4 'Structure model' '_struct_conn.ptnr2_label_asym_id'            
16 4 'Structure model' '_struct_site.pdbx_auth_asym_id'              
17 4 'Structure model' '_struct_site.pdbx_auth_comp_id'              
18 4 'Structure model' '_struct_site.pdbx_auth_seq_id'               
# 
loop_
_software.name 
_software.classification 
_software.version 
_software.citation_id 
_software.pdbx_ordinal 
SHELXL-97    refinement        . ? 1 
CNS          refinement        . ? 2 
CrystalClear 'data collection' . ? 3 
d*TREK       'data reduction'  . ? 4 
d*TREK       'data scaling'    . ? 5 
CNS          phasing           . ? 6 
# 
loop_
_pdbx_validate_rmsd_angle.id 
_pdbx_validate_rmsd_angle.PDB_model_num 
_pdbx_validate_rmsd_angle.auth_atom_id_1 
_pdbx_validate_rmsd_angle.auth_asym_id_1 
_pdbx_validate_rmsd_angle.auth_comp_id_1 
_pdbx_validate_rmsd_angle.auth_seq_id_1 
_pdbx_validate_rmsd_angle.PDB_ins_code_1 
_pdbx_validate_rmsd_angle.label_alt_id_1 
_pdbx_validate_rmsd_angle.auth_atom_id_2 
_pdbx_validate_rmsd_angle.auth_asym_id_2 
_pdbx_validate_rmsd_angle.auth_comp_id_2 
_pdbx_validate_rmsd_angle.auth_seq_id_2 
_pdbx_validate_rmsd_angle.PDB_ins_code_2 
_pdbx_validate_rmsd_angle.label_alt_id_2 
_pdbx_validate_rmsd_angle.auth_atom_id_3 
_pdbx_validate_rmsd_angle.auth_asym_id_3 
_pdbx_validate_rmsd_angle.auth_comp_id_3 
_pdbx_validate_rmsd_angle.auth_seq_id_3 
_pdbx_validate_rmsd_angle.PDB_ins_code_3 
_pdbx_validate_rmsd_angle.label_alt_id_3 
_pdbx_validate_rmsd_angle.angle_value 
_pdbx_validate_rmsd_angle.angle_target_value 
_pdbx_validate_rmsd_angle.angle_deviation 
_pdbx_validate_rmsd_angle.angle_standard_deviation 
_pdbx_validate_rmsd_angle.linker_flag 
1  1 "O4'" A DC 1  ? ? "C1'" A DC 1  ? ? N1    A DC 1  ? ? 103.23 108.00 -4.77 0.70 N 
2  1 "O4'" A DA 6  ? ? "C1'" A DA 6  ? ? N9    A DA 6  ? ? 103.70 108.00 -4.30 0.70 N 
3  1 "O4'" A DT 8  ? ? "C1'" A DT 8  ? ? N1    A DT 8  ? ? 102.64 108.00 -5.36 0.70 N 
4  1 "C3'" A DG 10 ? ? "C2'" A DG 10 ? ? "C1'" A DG 10 ? ? 96.48  102.40 -5.92 0.80 N 
5  1 "O4'" A DC 11 ? ? "C1'" A DC 11 ? ? N1    A DC 11 ? ? 103.05 108.00 -4.95 0.70 N 
6  1 "O4'" B DA 17 ? ? "C1'" B DA 17 ? ? N9    B DA 17 ? ? 102.93 108.00 -5.07 0.70 N 
7  1 "O4'" B DA 18 ? ? "C1'" B DA 18 ? ? N9    B DA 18 ? ? 103.52 108.00 -4.48 0.70 N 
8  1 "O4'" B DT 19 ? ? "C1'" B DT 19 ? ? N1    B DT 19 ? ? 102.81 108.00 -5.19 0.70 N 
9  1 "O4'" B DT 20 ? ? "C1'" B DT 20 ? ? N1    B DT 20 ? ? 102.65 108.00 -5.35 0.70 N 
10 1 "O4'" B DC 21 ? ? "C1'" B DC 21 ? ? N1    B DC 21 ? ? 102.71 108.00 -5.29 0.70 N 
11 1 "C3'" B DG 22 ? ? "C2'" B DG 22 ? ? "C1'" B DG 22 ? ? 96.17  102.40 -6.23 0.80 N 
# 
loop_
_chem_comp_atom.comp_id 
_chem_comp_atom.atom_id 
_chem_comp_atom.type_symbol 
_chem_comp_atom.pdbx_aromatic_flag 
_chem_comp_atom.pdbx_stereo_config 
_chem_comp_atom.pdbx_ordinal 
DA  OP3    O  N N 1   
DA  P      P  N N 2   
DA  OP1    O  N N 3   
DA  OP2    O  N N 4   
DA  "O5'"  O  N N 5   
DA  "C5'"  C  N N 6   
DA  "C4'"  C  N R 7   
DA  "O4'"  O  N N 8   
DA  "C3'"  C  N S 9   
DA  "O3'"  O  N N 10  
DA  "C2'"  C  N N 11  
DA  "C1'"  C  N R 12  
DA  N9     N  Y N 13  
DA  C8     C  Y N 14  
DA  N7     N  Y N 15  
DA  C5     C  Y N 16  
DA  C6     C  Y N 17  
DA  N6     N  N N 18  
DA  N1     N  Y N 19  
DA  C2     C  Y N 20  
DA  N3     N  Y N 21  
DA  C4     C  Y N 22  
DA  HOP3   H  N N 23  
DA  HOP2   H  N N 24  
DA  "H5'"  H  N N 25  
DA  "H5''" H  N N 26  
DA  "H4'"  H  N N 27  
DA  "H3'"  H  N N 28  
DA  "HO3'" H  N N 29  
DA  "H2'"  H  N N 30  
DA  "H2''" H  N N 31  
DA  "H1'"  H  N N 32  
DA  H8     H  N N 33  
DA  H61    H  N N 34  
DA  H62    H  N N 35  
DA  H2     H  N N 36  
DC  OP3    O  N N 37  
DC  P      P  N N 38  
DC  OP1    O  N N 39  
DC  OP2    O  N N 40  
DC  "O5'"  O  N N 41  
DC  "C5'"  C  N N 42  
DC  "C4'"  C  N R 43  
DC  "O4'"  O  N N 44  
DC  "C3'"  C  N S 45  
DC  "O3'"  O  N N 46  
DC  "C2'"  C  N N 47  
DC  "C1'"  C  N R 48  
DC  N1     N  N N 49  
DC  C2     C  N N 50  
DC  O2     O  N N 51  
DC  N3     N  N N 52  
DC  C4     C  N N 53  
DC  N4     N  N N 54  
DC  C5     C  N N 55  
DC  C6     C  N N 56  
DC  HOP3   H  N N 57  
DC  HOP2   H  N N 58  
DC  "H5'"  H  N N 59  
DC  "H5''" H  N N 60  
DC  "H4'"  H  N N 61  
DC  "H3'"  H  N N 62  
DC  "HO3'" H  N N 63  
DC  "H2'"  H  N N 64  
DC  "H2''" H  N N 65  
DC  "H1'"  H  N N 66  
DC  H41    H  N N 67  
DC  H42    H  N N 68  
DC  H5     H  N N 69  
DC  H6     H  N N 70  
DG  OP3    O  N N 71  
DG  P      P  N N 72  
DG  OP1    O  N N 73  
DG  OP2    O  N N 74  
DG  "O5'"  O  N N 75  
DG  "C5'"  C  N N 76  
DG  "C4'"  C  N R 77  
DG  "O4'"  O  N N 78  
DG  "C3'"  C  N S 79  
DG  "O3'"  O  N N 80  
DG  "C2'"  C  N N 81  
DG  "C1'"  C  N R 82  
DG  N9     N  Y N 83  
DG  C8     C  Y N 84  
DG  N7     N  Y N 85  
DG  C5     C  Y N 86  
DG  C6     C  N N 87  
DG  O6     O  N N 88  
DG  N1     N  N N 89  
DG  C2     C  N N 90  
DG  N2     N  N N 91  
DG  N3     N  N N 92  
DG  C4     C  Y N 93  
DG  HOP3   H  N N 94  
DG  HOP2   H  N N 95  
DG  "H5'"  H  N N 96  
DG  "H5''" H  N N 97  
DG  "H4'"  H  N N 98  
DG  "H3'"  H  N N 99  
DG  "HO3'" H  N N 100 
DG  "H2'"  H  N N 101 
DG  "H2''" H  N N 102 
DG  "H1'"  H  N N 103 
DG  H8     H  N N 104 
DG  H1     H  N N 105 
DG  H21    H  N N 106 
DG  H22    H  N N 107 
DT  OP3    O  N N 108 
DT  P      P  N N 109 
DT  OP1    O  N N 110 
DT  OP2    O  N N 111 
DT  "O5'"  O  N N 112 
DT  "C5'"  C  N N 113 
DT  "C4'"  C  N R 114 
DT  "O4'"  O  N N 115 
DT  "C3'"  C  N S 116 
DT  "O3'"  O  N N 117 
DT  "C2'"  C  N N 118 
DT  "C1'"  C  N R 119 
DT  N1     N  N N 120 
DT  C2     C  N N 121 
DT  O2     O  N N 122 
DT  N3     N  N N 123 
DT  C4     C  N N 124 
DT  O4     O  N N 125 
DT  C5     C  N N 126 
DT  C7     C  N N 127 
DT  C6     C  N N 128 
DT  HOP3   H  N N 129 
DT  HOP2   H  N N 130 
DT  "H5'"  H  N N 131 
DT  "H5''" H  N N 132 
DT  "H4'"  H  N N 133 
DT  "H3'"  H  N N 134 
DT  "HO3'" H  N N 135 
DT  "H2'"  H  N N 136 
DT  "H2''" H  N N 137 
DT  "H1'"  H  N N 138 
DT  H3     H  N N 139 
DT  H71    H  N N 140 
DT  H72    H  N N 141 
DT  H73    H  N N 142 
DT  H6     H  N N 143 
HOH O      O  N N 144 
HOH H1     H  N N 145 
HOH H2     H  N N 146 
MBC C1     C  Y N 147 
MBC C2     C  Y N 148 
MBC C3     C  Y N 149 
MBC O4     O  Y N 150 
MBC C5     C  Y N 151 
MBC C6     C  Y N 152 
MBC C7     C  Y N 153 
MBC C8     C  Y N 154 
MBC C9     C  Y N 155 
MBC C10    C  Y N 156 
MBC C11    C  Y N 157 
MBC C12    C  Y N 158 
MBC N13    N  Y N 159 
MBC C14    C  Y N 160 
MBC C15    C  Y N 161 
MBC N16    N  Y N 162 
MBC C17    C  Y N 163 
MBC C18    C  Y N 164 
MBC C19    C  Y N 165 
MBC C20    C  Y N 166 
MBC C21    C  N N 167 
MBC C22    C  N N 168 
MBC N23    N  N N 169 
MBC N24    N  N N 170 
MBC N25    N  N N 171 
MBC N26    N  N N 172 
MBC H1     H  N N 173 
MBC H2     H  N N 174 
MBC H8     H  N N 175 
MBC H9     H  N N 176 
MBC H11    H  N N 177 
MBC H12    H  N N 178 
MBC HN13   H  N N 179 
MBC H17    H  N N 180 
MBC H19    H  N N 181 
MBC H20    H  N N 182 
MBC HN23   H  N N 183 
MBC H241   H  N N 184 
MBC H242   H  N N 185 
MBC HN25   H  N N 186 
MBC H261   H  N N 187 
MBC H262   H  N N 188 
MG  MG     MG N N 189 
# 
loop_
_chem_comp_bond.comp_id 
_chem_comp_bond.atom_id_1 
_chem_comp_bond.atom_id_2 
_chem_comp_bond.value_order 
_chem_comp_bond.pdbx_aromatic_flag 
_chem_comp_bond.pdbx_stereo_config 
_chem_comp_bond.pdbx_ordinal 
DA  OP3   P      sing N N 1   
DA  OP3   HOP3   sing N N 2   
DA  P     OP1    doub N N 3   
DA  P     OP2    sing N N 4   
DA  P     "O5'"  sing N N 5   
DA  OP2   HOP2   sing N N 6   
DA  "O5'" "C5'"  sing N N 7   
DA  "C5'" "C4'"  sing N N 8   
DA  "C5'" "H5'"  sing N N 9   
DA  "C5'" "H5''" sing N N 10  
DA  "C4'" "O4'"  sing N N 11  
DA  "C4'" "C3'"  sing N N 12  
DA  "C4'" "H4'"  sing N N 13  
DA  "O4'" "C1'"  sing N N 14  
DA  "C3'" "O3'"  sing N N 15  
DA  "C3'" "C2'"  sing N N 16  
DA  "C3'" "H3'"  sing N N 17  
DA  "O3'" "HO3'" sing N N 18  
DA  "C2'" "C1'"  sing N N 19  
DA  "C2'" "H2'"  sing N N 20  
DA  "C2'" "H2''" sing N N 21  
DA  "C1'" N9     sing N N 22  
DA  "C1'" "H1'"  sing N N 23  
DA  N9    C8     sing Y N 24  
DA  N9    C4     sing Y N 25  
DA  C8    N7     doub Y N 26  
DA  C8    H8     sing N N 27  
DA  N7    C5     sing Y N 28  
DA  C5    C6     sing Y N 29  
DA  C5    C4     doub Y N 30  
DA  C6    N6     sing N N 31  
DA  C6    N1     doub Y N 32  
DA  N6    H61    sing N N 33  
DA  N6    H62    sing N N 34  
DA  N1    C2     sing Y N 35  
DA  C2    N3     doub Y N 36  
DA  C2    H2     sing N N 37  
DA  N3    C4     sing Y N 38  
DC  OP3   P      sing N N 39  
DC  OP3   HOP3   sing N N 40  
DC  P     OP1    doub N N 41  
DC  P     OP2    sing N N 42  
DC  P     "O5'"  sing N N 43  
DC  OP2   HOP2   sing N N 44  
DC  "O5'" "C5'"  sing N N 45  
DC  "C5'" "C4'"  sing N N 46  
DC  "C5'" "H5'"  sing N N 47  
DC  "C5'" "H5''" sing N N 48  
DC  "C4'" "O4'"  sing N N 49  
DC  "C4'" "C3'"  sing N N 50  
DC  "C4'" "H4'"  sing N N 51  
DC  "O4'" "C1'"  sing N N 52  
DC  "C3'" "O3'"  sing N N 53  
DC  "C3'" "C2'"  sing N N 54  
DC  "C3'" "H3'"  sing N N 55  
DC  "O3'" "HO3'" sing N N 56  
DC  "C2'" "C1'"  sing N N 57  
DC  "C2'" "H2'"  sing N N 58  
DC  "C2'" "H2''" sing N N 59  
DC  "C1'" N1     sing N N 60  
DC  "C1'" "H1'"  sing N N 61  
DC  N1    C2     sing N N 62  
DC  N1    C6     sing N N 63  
DC  C2    O2     doub N N 64  
DC  C2    N3     sing N N 65  
DC  N3    C4     doub N N 66  
DC  C4    N4     sing N N 67  
DC  C4    C5     sing N N 68  
DC  N4    H41    sing N N 69  
DC  N4    H42    sing N N 70  
DC  C5    C6     doub N N 71  
DC  C5    H5     sing N N 72  
DC  C6    H6     sing N N 73  
DG  OP3   P      sing N N 74  
DG  OP3   HOP3   sing N N 75  
DG  P     OP1    doub N N 76  
DG  P     OP2    sing N N 77  
DG  P     "O5'"  sing N N 78  
DG  OP2   HOP2   sing N N 79  
DG  "O5'" "C5'"  sing N N 80  
DG  "C5'" "C4'"  sing N N 81  
DG  "C5'" "H5'"  sing N N 82  
DG  "C5'" "H5''" sing N N 83  
DG  "C4'" "O4'"  sing N N 84  
DG  "C4'" "C3'"  sing N N 85  
DG  "C4'" "H4'"  sing N N 86  
DG  "O4'" "C1'"  sing N N 87  
DG  "C3'" "O3'"  sing N N 88  
DG  "C3'" "C2'"  sing N N 89  
DG  "C3'" "H3'"  sing N N 90  
DG  "O3'" "HO3'" sing N N 91  
DG  "C2'" "C1'"  sing N N 92  
DG  "C2'" "H2'"  sing N N 93  
DG  "C2'" "H2''" sing N N 94  
DG  "C1'" N9     sing N N 95  
DG  "C1'" "H1'"  sing N N 96  
DG  N9    C8     sing Y N 97  
DG  N9    C4     sing Y N 98  
DG  C8    N7     doub Y N 99  
DG  C8    H8     sing N N 100 
DG  N7    C5     sing Y N 101 
DG  C5    C6     sing N N 102 
DG  C5    C4     doub Y N 103 
DG  C6    O6     doub N N 104 
DG  C6    N1     sing N N 105 
DG  N1    C2     sing N N 106 
DG  N1    H1     sing N N 107 
DG  C2    N2     sing N N 108 
DG  C2    N3     doub N N 109 
DG  N2    H21    sing N N 110 
DG  N2    H22    sing N N 111 
DG  N3    C4     sing N N 112 
DT  OP3   P      sing N N 113 
DT  OP3   HOP3   sing N N 114 
DT  P     OP1    doub N N 115 
DT  P     OP2    sing N N 116 
DT  P     "O5'"  sing N N 117 
DT  OP2   HOP2   sing N N 118 
DT  "O5'" "C5'"  sing N N 119 
DT  "C5'" "C4'"  sing N N 120 
DT  "C5'" "H5'"  sing N N 121 
DT  "C5'" "H5''" sing N N 122 
DT  "C4'" "O4'"  sing N N 123 
DT  "C4'" "C3'"  sing N N 124 
DT  "C4'" "H4'"  sing N N 125 
DT  "O4'" "C1'"  sing N N 126 
DT  "C3'" "O3'"  sing N N 127 
DT  "C3'" "C2'"  sing N N 128 
DT  "C3'" "H3'"  sing N N 129 
DT  "O3'" "HO3'" sing N N 130 
DT  "C2'" "C1'"  sing N N 131 
DT  "C2'" "H2'"  sing N N 132 
DT  "C2'" "H2''" sing N N 133 
DT  "C1'" N1     sing N N 134 
DT  "C1'" "H1'"  sing N N 135 
DT  N1    C2     sing N N 136 
DT  N1    C6     sing N N 137 
DT  C2    O2     doub N N 138 
DT  C2    N3     sing N N 139 
DT  N3    C4     sing N N 140 
DT  N3    H3     sing N N 141 
DT  C4    O4     doub N N 142 
DT  C4    C5     sing N N 143 
DT  C5    C7     sing N N 144 
DT  C5    C6     doub N N 145 
DT  C7    H71    sing N N 146 
DT  C7    H72    sing N N 147 
DT  C7    H73    sing N N 148 
DT  C6    H6     sing N N 149 
HOH O     H1     sing N N 150 
HOH O     H2     sing N N 151 
MBC C1    C5     doub Y N 152 
MBC C1    C2     sing Y N 153 
MBC C1    H1     sing N N 154 
MBC C2    C3     doub Y N 155 
MBC C2    H2     sing N N 156 
MBC C3    O4     sing Y N 157 
MBC C3    C7     sing Y N 158 
MBC O4    C5     sing Y N 159 
MBC C5    C6     sing Y N 160 
MBC C6    C8     doub Y N 161 
MBC C6    C12    sing Y N 162 
MBC C7    N16    doub Y N 163 
MBC C7    N13    sing Y N 164 
MBC C8    C9     sing Y N 165 
MBC C8    H8     sing N N 166 
MBC C9    C10    doub Y N 167 
MBC C9    H9     sing N N 168 
MBC C10   C22    sing N N 169 
MBC C10   C11    sing Y N 170 
MBC C11   C12    doub Y N 171 
MBC C11   H11    sing N N 172 
MBC C12   H12    sing N N 173 
MBC N13   C14    sing Y N 174 
MBC N13   HN13   sing N N 175 
MBC C14   C15    doub Y N 176 
MBC C14   C20    sing Y N 177 
MBC C15   N16    sing Y N 178 
MBC C15   C17    sing Y N 179 
MBC C17   C18    doub Y N 180 
MBC C17   H17    sing N N 181 
MBC C18   C19    sing Y N 182 
MBC C18   C21    sing N N 183 
MBC C19   C20    doub Y N 184 
MBC C19   H19    sing N N 185 
MBC C20   H20    sing N N 186 
MBC C21   N26    sing N N 187 
MBC C21   N25    doub N E 188 
MBC C22   N24    sing N N 189 
MBC C22   N23    doub N E 190 
MBC N23   HN23   sing N N 191 
MBC N24   H241   sing N N 192 
MBC N24   H242   sing N N 193 
MBC N25   HN25   sing N N 194 
MBC N26   H261   sing N N 195 
MBC N26   H262   sing N N 196 
# 
loop_
_ndb_struct_conf_na.entry_id 
_ndb_struct_conf_na.feature 
2I2I 'double helix'        
2I2I 'b-form double helix' 
# 
loop_
_ndb_struct_na_base_pair.model_number 
_ndb_struct_na_base_pair.i_label_asym_id 
_ndb_struct_na_base_pair.i_label_comp_id 
_ndb_struct_na_base_pair.i_label_seq_id 
_ndb_struct_na_base_pair.i_symmetry 
_ndb_struct_na_base_pair.j_label_asym_id 
_ndb_struct_na_base_pair.j_label_comp_id 
_ndb_struct_na_base_pair.j_label_seq_id 
_ndb_struct_na_base_pair.j_symmetry 
_ndb_struct_na_base_pair.shear 
_ndb_struct_na_base_pair.stretch 
_ndb_struct_na_base_pair.stagger 
_ndb_struct_na_base_pair.buckle 
_ndb_struct_na_base_pair.propeller 
_ndb_struct_na_base_pair.opening 
_ndb_struct_na_base_pair.pair_number 
_ndb_struct_na_base_pair.pair_name 
_ndb_struct_na_base_pair.i_auth_asym_id 
_ndb_struct_na_base_pair.i_auth_seq_id 
_ndb_struct_na_base_pair.i_PDB_ins_code 
_ndb_struct_na_base_pair.j_auth_asym_id 
_ndb_struct_na_base_pair.j_auth_seq_id 
_ndb_struct_na_base_pair.j_PDB_ins_code 
_ndb_struct_na_base_pair.hbond_type_28 
_ndb_struct_na_base_pair.hbond_type_12 
1 A DC 1  1_555 B DG 12 1_555 0.311  -0.207 0.100  2.228  -21.105 0.621  1  A_DC1:DG24_B  A 1  ? B 24 ? 19 1 
1 A DG 2  1_555 B DC 11 1_555 -0.056 -0.256 0.143  1.652  -7.139  -4.817 2  A_DG2:DC23_B  A 2  ? B 23 ? 19 1 
1 A DC 3  1_555 B DG 10 1_555 0.253  -0.112 0.174  -3.235 -5.520  0.179  3  A_DC3:DG22_B  A 3  ? B 22 ? 19 1 
1 A DG 4  1_555 B DC 9  1_555 -0.324 -0.090 0.029  11.428 -10.863 -1.175 4  A_DG4:DC21_B  A 4  ? B 21 ? 19 1 
1 A DA 5  1_555 B DT 8  1_555 0.165  -0.158 -0.052 9.060  -20.535 4.458  5  A_DA5:DT20_B  A 5  ? B 20 ? 20 1 
1 A DA 6  1_555 B DT 7  1_555 0.374  -0.119 -0.025 0.641  -17.366 7.444  6  A_DA6:DT19_B  A 6  ? B 19 ? 20 1 
1 A DT 7  1_555 B DA 6  1_555 -0.160 -0.041 0.232  -1.444 -17.298 6.070  7  A_DT7:DA18_B  A 7  ? B 18 ? 20 1 
1 A DT 8  1_555 B DA 5  1_555 -0.204 -0.268 -0.080 -1.713 -17.449 3.558  8  A_DT8:DA17_B  A 8  ? B 17 ? 20 1 
1 A DC 9  1_555 B DG 4  1_555 0.075  -0.258 -0.145 -8.770 -12.392 -1.518 9  A_DC9:DG16_B  A 9  ? B 16 ? 19 1 
1 A DG 10 1_555 B DC 3  1_555 0.025  -0.324 0.155  6.957  -4.503  -2.229 10 A_DG10:DC15_B A 10 ? B 15 ? 19 1 
1 A DC 11 1_555 B DG 2  1_555 -0.030 -0.288 0.396  6.171  -24.703 -5.278 11 A_DC11:DG14_B A 11 ? B 14 ? 19 1 
1 A DG 12 1_555 B DC 1  1_555 -0.415 -0.225 -0.133 10.174 19.613  -2.797 12 A_DG12:DC13_B A 12 ? B 13 ? 19 1 
# 
loop_
_ndb_struct_na_base_pair_step.model_number 
_ndb_struct_na_base_pair_step.i_label_asym_id_1 
_ndb_struct_na_base_pair_step.i_label_comp_id_1 
_ndb_struct_na_base_pair_step.i_label_seq_id_1 
_ndb_struct_na_base_pair_step.i_symmetry_1 
_ndb_struct_na_base_pair_step.j_label_asym_id_1 
_ndb_struct_na_base_pair_step.j_label_comp_id_1 
_ndb_struct_na_base_pair_step.j_label_seq_id_1 
_ndb_struct_na_base_pair_step.j_symmetry_1 
_ndb_struct_na_base_pair_step.i_label_asym_id_2 
_ndb_struct_na_base_pair_step.i_label_comp_id_2 
_ndb_struct_na_base_pair_step.i_label_seq_id_2 
_ndb_struct_na_base_pair_step.i_symmetry_2 
_ndb_struct_na_base_pair_step.j_label_asym_id_2 
_ndb_struct_na_base_pair_step.j_label_comp_id_2 
_ndb_struct_na_base_pair_step.j_label_seq_id_2 
_ndb_struct_na_base_pair_step.j_symmetry_2 
_ndb_struct_na_base_pair_step.shift 
_ndb_struct_na_base_pair_step.slide 
_ndb_struct_na_base_pair_step.rise 
_ndb_struct_na_base_pair_step.tilt 
_ndb_struct_na_base_pair_step.roll 
_ndb_struct_na_base_pair_step.twist 
_ndb_struct_na_base_pair_step.x_displacement 
_ndb_struct_na_base_pair_step.y_displacement 
_ndb_struct_na_base_pair_step.helical_rise 
_ndb_struct_na_base_pair_step.inclination 
_ndb_struct_na_base_pair_step.tip 
_ndb_struct_na_base_pair_step.helical_twist 
_ndb_struct_na_base_pair_step.step_number 
_ndb_struct_na_base_pair_step.step_name 
_ndb_struct_na_base_pair_step.i_auth_asym_id_1 
_ndb_struct_na_base_pair_step.i_auth_seq_id_1 
_ndb_struct_na_base_pair_step.i_PDB_ins_code_1 
_ndb_struct_na_base_pair_step.j_auth_asym_id_1 
_ndb_struct_na_base_pair_step.j_auth_seq_id_1 
_ndb_struct_na_base_pair_step.j_PDB_ins_code_1 
_ndb_struct_na_base_pair_step.i_auth_asym_id_2 
_ndb_struct_na_base_pair_step.i_auth_seq_id_2 
_ndb_struct_na_base_pair_step.i_PDB_ins_code_2 
_ndb_struct_na_base_pair_step.j_auth_asym_id_2 
_ndb_struct_na_base_pair_step.j_auth_seq_id_2 
_ndb_struct_na_base_pair_step.j_PDB_ins_code_2 
1 A DC 1  1_555 B DG 12 1_555 A DG 2  1_555 B DC 11 1_555 -0.492 0.093  3.373 -0.071 8.120   33.138 -1.178 0.827  3.304 13.977  
0.122  34.091 1  AA_DC1DG2:DC23DG24_BB   A 1  ? B 24 ? A 2  ? B 23 ? 
1 A DG 2  1_555 B DC 11 1_555 A DC 3  1_555 B DG 10 1_555 0.857  0.615  3.392 0.809  -3.795  41.619 1.273  -1.114 3.341 -5.327  
-1.136 41.792 2  AA_DG2DC3:DG22DC23_BB   A 2  ? B 23 ? A 3  ? B 22 ? 
1 A DC 3  1_555 B DG 10 1_555 A DG 4  1_555 B DC 9  1_555 -0.426 0.747  3.121 2.944  10.520  26.173 -0.890 1.546  3.118 22.047  
-6.169 28.324 3  AA_DC3DG4:DC21DG22_BB   A 3  ? B 22 ? A 4  ? B 21 ? 
1 A DG 4  1_555 B DC 9  1_555 A DA 5  1_555 B DT 8  1_555 0.078  0.104  3.316 0.613  3.326   38.532 -0.258 -0.042 3.314 5.028   
-0.927 38.674 4  AA_DG4DA5:DT20DC21_BB   A 4  ? B 21 ? A 5  ? B 20 ? 
1 A DA 5  1_555 B DT 8  1_555 A DA 6  1_555 B DT 7  1_555 0.304  -0.280 3.436 -0.915 4.333   36.666 -1.053 -0.609 3.374 6.857   
1.448  36.924 5  AA_DA5DA6:DT19DT20_BB   A 5  ? B 20 ? A 6  ? B 19 ? 
1 A DA 6  1_555 B DT 7  1_555 A DT 7  1_555 B DA 6  1_555 -0.062 -0.643 3.254 -2.351 0.679   29.321 -1.411 -0.378 3.233 1.339   
4.634  29.420 6  AA_DA6DT7:DA18DT19_BB   A 6  ? B 19 ? A 7  ? B 18 ? 
1 A DT 7  1_555 B DA 6  1_555 A DT 8  1_555 B DA 5  1_555 -0.446 -0.249 3.177 2.711  -0.680  35.919 -0.310 1.093  3.140 -1.101  
-4.387 36.024 7  AA_DT7DT8:DA17DA18_BB   A 7  ? B 18 ? A 8  ? B 17 ? 
1 A DT 8  1_555 B DA 5  1_555 A DC 9  1_555 B DG 4  1_555 -0.015 0.095  3.439 2.420  -2.053  40.528 0.376  0.303  3.424 -2.959  
-3.487 40.647 8  AA_DT8DC9:DG16DA17_BB   A 8  ? B 17 ? A 9  ? B 16 ? 
1 A DC 9  1_555 B DG 4  1_555 A DG 10 1_555 B DC 3  1_555 0.459  1.174  3.129 -3.704 8.035   29.319 0.640  -1.601 3.248 15.437  
7.115  30.597 9  AA_DC9DG10:DC15DG16_BB  A 9  ? B 16 ? A 10 ? B 15 ? 
1 A DG 10 1_555 B DC 3  1_555 A DC 11 1_555 B DG 2  1_555 -1.063 0.723  3.429 -4.768 -14.479 41.174 2.398  0.955  3.115 -19.789 
6.517  43.790 10 AA_DG10DC11:DG14DC15_BB A 10 ? B 15 ? A 11 ? B 14 ? 
1 A DC 11 1_555 B DG 2  1_555 A DG 12 1_555 B DC 1  1_555 1.496  0.566  3.481 5.882  -11.607 34.497 2.598  -1.507 3.329 -18.765 
-9.509 36.799 11 AA_DC11DG12:DC13DG14_BB A 11 ? B 14 ? A 12 ? B 13 ? 
# 
loop_
_pdbx_entity_nonpoly.entity_id 
_pdbx_entity_nonpoly.name 
_pdbx_entity_nonpoly.comp_id 
2 'MAGNESIUM ION'                                                                   MG  
3 '2-(5-{4-[AMINO(IMINO)METHYL]PHENYL}-2-FURYL)-1H-BENZIMIDAZOLE-5-CARBOXIMIDAMIDE' MBC 
4 water                                                                             HOH 
# 
_pdbx_initial_refinement_model.id               1 
_pdbx_initial_refinement_model.entity_id_list   ? 
_pdbx_initial_refinement_model.type             'experimental model' 
_pdbx_initial_refinement_model.source_name      PDB 
_pdbx_initial_refinement_model.accession_code   2DBE 
_pdbx_initial_refinement_model.details          'DNA PART OF NDB ENTRY GDL009 OR PDB ENTRY 2DBE.' 
# 
